data_4M45
#
_entry.id   4M45
#
_cell.length_a   74.952
_cell.length_b   120.530
_cell.length_c   130.685
_cell.angle_alpha   90.00
_cell.angle_beta   90.00
_cell.angle_gamma   90.00
#
_symmetry.space_group_name_H-M   'P 21 21 21'
#
loop_
_entity.id
_entity.type
_entity.pdbx_description
1 polymer 'DNA polymerase'
2 polymer 'DNA template'
3 polymer 'DNA primer'
4 non-polymer "ADENOSINE-5'-TRIPHOSPHATE"
5 non-polymer 'CALCIUM ION'
6 water water
#
loop_
_entity_poly.entity_id
_entity_poly.type
_entity_poly.pdbx_seq_one_letter_code
_entity_poly.pdbx_strand_id
1 'polypeptide(L)'
;MKEFYLTVEQIGDSIFERYIDSNGRERTREVEYKPSLFAHCPESQATKYFDIYGKPCTRKLFANMRDASQWIKRMEDIGL
EALGMDDFKLAYLSDTYNYEIKYDHTKIRVANFDIEVTSPDGFPEPSQAKHPIDAITHYDSIDDRFYVFDLLNSPYGNVE
EWSIEIAAKLQEQGGDEVPSEIIDKIIYMPFDNEKELLMEYLNFWQQKTPVILTGWNVESFAIPYVYNRIKNIFGESTAK
RLSPHRKTRVKVIENMYGSREIITLFGISVLDYIDLYKKFSFTNQPSYSLDYISEFELNVGKLKYDGPISKLRESNHQRY
ISYNIIAVYRVLQIDAKRQFINLSLDMGYYAKIQIQSVFSPIKTWDAIIFNSLKEQNKVIPQGRSHPVQPYPGAFVKEPI
PNRYKYVMSFDLTSAYPSIIRQVNISPETIAGTFKVAPLHDYINAVAERPSDVYSCSPNGMMYYKDRDGVVPTEITKVFN
QRKEHKGYMLAAQRNGEIIKEALHNPNLSVDEPLDVDYRFDFSDEIKEKIKKLSAKSLNEMLFRAQRTEVAGMTAQINRK
ALINGLAGALGNVWFRYYDLRNATAITTFGQMALQWIERKVNEYLNEVCGTEGEAFVLYGDTDSIYVSADKIIDKVGESK
FRDTNHWVDFLDKFARERMEPAIDRGFREMCEYMNNKQHLMFMDREAIAGPPLGSKGIGGFWTGKKRYALNVWDMEGTRY
AEPKLKIMGLETQKSSTPKAVQKALKECIRRMLQEGEESLQEYFKEFEKEFRQLNYISIASVSSANNIAKYDVGGFPGPK
CPFHIRGILTYNRAIKGNIDAPQVVEGEKVYVLPLREGNPFGDKCIAWPSGTEITDLIKDDVLHWMDYTVLLEKTFIKPL
EGFTSAAKLDYEKKASLFDMFDF
;
A
2 'polydeoxyribonucleotide' (DG)(DT)(DG)(DT)(DA)(DA)(DT)(DC)(DA)(DG)(DT)(DC)(DC)(DG)(DC)(DG) T
3 'polydeoxyribonucleotide' (DG)(DC)(DG)(DG)(DA)(DC)(DT)(DG)(DG)(DT)(DT)(DA)(DC) P
#
# COMPACT_ATOMS: atom_id res chain seq x y z
N MET A 1 1.13 16.32 -31.42
CA MET A 1 1.08 15.20 -30.43
C MET A 1 -0.34 14.61 -30.38
N LYS A 2 -0.44 13.40 -29.83
CA LYS A 2 -1.74 12.78 -29.66
C LYS A 2 -2.47 13.41 -28.48
N GLU A 3 -3.75 13.73 -28.67
CA GLU A 3 -4.51 14.35 -27.59
C GLU A 3 -4.74 13.38 -26.44
N PHE A 4 -4.90 13.91 -25.23
CA PHE A 4 -5.32 13.10 -24.08
C PHE A 4 -6.18 13.92 -23.13
N TYR A 5 -7.18 13.27 -22.53
CA TYR A 5 -8.04 13.91 -21.55
C TYR A 5 -7.29 14.25 -20.26
N LEU A 6 -7.80 15.24 -19.56
CA LEU A 6 -7.33 15.59 -18.22
C LEU A 6 -8.40 15.17 -17.22
N THR A 7 -9.61 15.68 -17.40
CA THR A 7 -10.75 15.32 -16.56
C THR A 7 -11.99 15.13 -17.43
N VAL A 8 -12.95 14.38 -16.93
CA VAL A 8 -14.23 14.21 -17.61
C VAL A 8 -15.36 14.16 -16.59
N GLU A 9 -16.48 14.81 -16.90
CA GLU A 9 -17.64 14.79 -16.02
C GLU A 9 -18.92 14.68 -16.84
N GLN A 10 -19.93 14.04 -16.27
CA GLN A 10 -21.28 14.17 -16.83
C GLN A 10 -22.05 15.21 -16.03
N ILE A 11 -22.53 16.25 -16.69
CA ILE A 11 -23.42 17.21 -16.02
C ILE A 11 -24.72 17.30 -16.83
N GLY A 12 -25.76 16.64 -16.33
CA GLY A 12 -27.01 16.51 -17.06
C GLY A 12 -26.80 15.81 -18.38
N ASP A 13 -27.16 16.47 -19.48
CA ASP A 13 -27.03 15.87 -20.81
C ASP A 13 -25.75 16.26 -21.53
N SER A 14 -24.78 16.75 -20.76
CA SER A 14 -23.52 17.23 -21.31
C SER A 14 -22.33 16.52 -20.69
N ILE A 15 -21.36 16.18 -21.55
CA ILE A 15 -20.04 15.80 -21.07
C ILE A 15 -19.21 17.06 -21.04
N PHE A 16 -18.60 17.31 -19.88
CA PHE A 16 -17.64 18.39 -19.73
C PHE A 16 -16.25 17.77 -19.66
N GLU A 17 -15.38 18.14 -20.60
CA GLU A 17 -14.05 17.55 -20.69
C GLU A 17 -12.96 18.61 -20.70
N ARG A 18 -11.98 18.45 -19.83
CA ARG A 18 -10.74 19.20 -19.94
C ARG A 18 -9.74 18.27 -20.60
N TYR A 19 -8.97 18.78 -21.57
CA TYR A 19 -8.06 17.93 -22.32
C TYR A 19 -6.85 18.71 -22.83
N ILE A 20 -5.83 17.98 -23.26
CA ILE A 20 -4.67 18.57 -23.92
C ILE A 20 -4.85 18.34 -25.42
N ASP A 21 -4.84 19.41 -26.21
CA ASP A 21 -5.05 19.27 -27.65
C ASP A 21 -3.77 18.84 -28.38
N SER A 22 -3.84 18.74 -29.70
CA SER A 22 -2.75 18.19 -30.51
C SER A 22 -1.53 19.12 -30.53
N ASN A 23 -1.71 20.32 -30.00
CA ASN A 23 -0.63 21.29 -29.90
C ASN A 23 -0.10 21.40 -28.48
N GLY A 24 -0.65 20.60 -27.58
CA GLY A 24 -0.18 20.57 -26.20
C GLY A 24 -0.84 21.61 -25.31
N ARG A 25 -1.87 22.27 -25.82
CA ARG A 25 -2.59 23.29 -25.05
C ARG A 25 -3.74 22.66 -24.25
N GLU A 26 -3.97 23.19 -23.06
CA GLU A 26 -5.17 22.79 -22.30
C GLU A 26 -6.41 23.49 -22.84
N ARG A 27 -7.47 22.71 -23.03
CA ARG A 27 -8.75 23.20 -23.52
C ARG A 27 -9.87 22.61 -22.68
N THR A 28 -11.04 23.20 -22.77
CA THR A 28 -12.23 22.62 -22.14
C THR A 28 -13.33 22.63 -23.19
N ARG A 29 -14.20 21.62 -23.13
CA ARG A 29 -15.34 21.58 -24.03
C ARG A 29 -16.56 20.94 -23.39
N GLU A 30 -17.72 21.29 -23.92
CA GLU A 30 -18.97 20.70 -23.51
C GLU A 30 -19.55 19.97 -24.72
N VAL A 31 -19.79 18.67 -24.56
CA VAL A 31 -20.23 17.85 -25.68
C VAL A 31 -21.58 17.22 -25.34
N GLU A 32 -22.54 17.39 -26.25
CA GLU A 32 -23.86 16.79 -26.11
C GLU A 32 -23.78 15.36 -26.61
N TYR A 33 -23.12 14.53 -25.80
CA TYR A 33 -22.80 13.15 -26.12
C TYR A 33 -24.06 12.29 -26.16
N LYS A 34 -24.27 11.60 -27.28
CA LYS A 34 -25.39 10.68 -27.40
C LYS A 34 -24.88 9.26 -27.15
N PRO A 35 -25.25 8.67 -26.00
CA PRO A 35 -24.76 7.35 -25.68
C PRO A 35 -25.53 6.26 -26.40
N SER A 36 -24.92 5.09 -26.55
CA SER A 36 -25.62 3.91 -27.02
C SER A 36 -25.70 2.89 -25.91
N LEU A 37 -26.81 2.18 -25.84
CA LEU A 37 -26.91 0.97 -25.05
C LEU A 37 -27.42 -0.15 -25.95
N PHE A 38 -27.59 -1.35 -25.40
CA PHE A 38 -27.90 -2.51 -26.23
C PHE A 38 -28.99 -3.41 -25.64
N ALA A 39 -29.78 -4.00 -26.54
CA ALA A 39 -30.75 -5.03 -26.18
C ALA A 39 -30.48 -6.27 -27.02
N HIS A 40 -30.72 -7.45 -26.45
CA HIS A 40 -30.67 -8.68 -27.26
C HIS A 40 -31.70 -8.56 -28.39
N CYS A 41 -31.40 -9.15 -29.54
CA CYS A 41 -32.31 -9.11 -30.68
C CYS A 41 -32.45 -10.50 -31.32
N PRO A 42 -33.44 -10.68 -32.23
CA PRO A 42 -33.60 -12.00 -32.88
C PRO A 42 -32.39 -12.40 -33.71
N GLU A 43 -32.23 -13.71 -33.89
CA GLU A 43 -31.13 -14.28 -34.67
C GLU A 43 -31.23 -13.84 -36.12
N SER A 44 -32.46 -13.67 -36.59
CA SER A 44 -32.76 -13.26 -37.96
C SER A 44 -32.38 -11.80 -38.25
N GLN A 45 -32.00 -11.05 -37.21
CA GLN A 45 -31.66 -9.64 -37.38
C GLN A 45 -30.16 -9.42 -37.51
N ALA A 46 -29.75 -8.94 -38.70
CA ALA A 46 -28.35 -8.64 -39.02
C ALA A 46 -27.76 -7.62 -38.06
N THR A 47 -26.65 -7.96 -37.45
CA THR A 47 -25.94 -7.05 -36.56
C THR A 47 -24.45 -7.36 -36.50
N LYS A 48 -23.66 -6.39 -36.08
CA LYS A 48 -22.25 -6.61 -35.81
C LYS A 48 -21.94 -6.62 -34.31
N TYR A 49 -22.95 -6.37 -33.49
CA TYR A 49 -22.75 -6.34 -32.03
C TYR A 49 -23.22 -7.62 -31.38
N PHE A 50 -22.36 -8.23 -30.57
CA PHE A 50 -22.69 -9.45 -29.84
C PHE A 50 -22.30 -9.33 -28.37
N ASP A 51 -23.11 -9.93 -27.49
CA ASP A 51 -22.74 -9.99 -26.07
C ASP A 51 -21.58 -10.98 -25.87
N ILE A 52 -21.08 -11.11 -24.64
CA ILE A 52 -19.86 -11.89 -24.44
C ILE A 52 -20.06 -13.39 -24.66
N TYR A 53 -21.32 -13.80 -24.70
CA TYR A 53 -21.67 -15.20 -24.93
C TYR A 53 -22.02 -15.48 -26.38
N GLY A 54 -21.89 -14.47 -27.25
CA GLY A 54 -22.10 -14.63 -28.68
C GLY A 54 -23.53 -14.43 -29.14
N LYS A 55 -24.39 -13.94 -28.25
CA LYS A 55 -25.77 -13.64 -28.63
C LYS A 55 -25.86 -12.23 -29.24
N PRO A 56 -26.60 -12.10 -30.36
CA PRO A 56 -26.66 -10.85 -31.11
C PRO A 56 -27.37 -9.74 -30.34
N CYS A 57 -26.93 -8.51 -30.57
CA CYS A 57 -27.53 -7.34 -29.93
C CYS A 57 -27.83 -6.26 -30.94
N THR A 58 -28.90 -5.51 -30.69
CA THR A 58 -29.15 -4.30 -31.44
C THR A 58 -28.72 -3.07 -30.62
N ARG A 59 -28.08 -2.13 -31.28
CA ARG A 59 -27.64 -0.89 -30.64
C ARG A 59 -28.76 0.12 -30.61
N LYS A 60 -28.94 0.73 -29.45
CA LYS A 60 -29.91 1.80 -29.28
C LYS A 60 -29.20 3.11 -29.03
N LEU A 61 -29.37 4.05 -29.96
CA LEU A 61 -28.74 5.37 -29.87
C LEU A 61 -29.75 6.34 -29.26
N PHE A 62 -29.37 6.99 -28.17
CA PHE A 62 -30.31 7.88 -27.46
C PHE A 62 -30.07 9.35 -27.77
N ALA A 63 -31.16 10.13 -27.80
CA ALA A 63 -31.06 11.57 -28.07
C ALA A 63 -30.20 12.29 -27.04
N ASN A 64 -30.17 11.77 -25.82
CA ASN A 64 -29.33 12.32 -24.75
C ASN A 64 -29.10 11.30 -23.65
N MET A 65 -28.23 11.62 -22.69
CA MET A 65 -27.89 10.67 -21.64
C MET A 65 -29.01 10.37 -20.66
N ARG A 66 -29.87 11.35 -20.40
CA ARG A 66 -31.03 11.12 -19.54
C ARG A 66 -32.01 10.13 -20.16
N ASP A 67 -32.17 10.18 -21.49
CA ASP A 67 -33.03 9.22 -22.18
C ASP A 67 -32.46 7.80 -22.02
N ALA A 68 -31.13 7.67 -22.14
CA ALA A 68 -30.46 6.38 -21.93
C ALA A 68 -30.71 5.84 -20.52
N SER A 69 -30.57 6.71 -19.51
CA SER A 69 -30.80 6.32 -18.12
C SER A 69 -32.24 5.93 -17.85
N GLN A 70 -33.18 6.68 -18.42
CA GLN A 70 -34.60 6.36 -18.29
C GLN A 70 -34.94 5.03 -18.96
N TRP A 71 -34.27 4.71 -20.05
CA TRP A 71 -34.49 3.44 -20.74
C TRP A 71 -34.02 2.27 -19.90
N ILE A 72 -32.89 2.44 -19.21
CA ILE A 72 -32.41 1.42 -18.27
C ILE A 72 -33.50 1.07 -17.25
N LYS A 73 -34.10 2.09 -16.64
CA LYS A 73 -35.17 1.88 -15.62
C LYS A 73 -36.38 1.14 -16.19
N ARG A 74 -36.81 1.52 -17.39
CA ARG A 74 -37.97 0.88 -18.00
C ARG A 74 -37.68 -0.57 -18.38
N MET A 75 -36.44 -0.85 -18.81
CA MET A 75 -36.02 -2.22 -19.04
C MET A 75 -36.09 -3.06 -17.76
N GLU A 76 -35.71 -2.46 -16.63
CA GLU A 76 -35.89 -3.10 -15.33
C GLU A 76 -37.39 -3.34 -15.04
N ASP A 77 -38.23 -2.33 -15.27
CA ASP A 77 -39.68 -2.47 -15.10
C ASP A 77 -40.27 -3.58 -15.96
N ILE A 78 -39.72 -3.77 -17.17
CA ILE A 78 -40.18 -4.82 -18.07
C ILE A 78 -39.63 -6.18 -17.67
N GLY A 79 -38.38 -6.18 -17.17
CA GLY A 79 -37.70 -7.41 -16.77
C GLY A 79 -36.75 -7.93 -17.82
N LEU A 80 -36.10 -7.00 -18.53
CA LEU A 80 -35.14 -7.36 -19.58
C LEU A 80 -33.78 -6.71 -19.34
N GLU A 81 -32.73 -7.43 -19.70
CA GLU A 81 -31.36 -6.94 -19.53
C GLU A 81 -31.10 -5.75 -20.44
N ALA A 82 -30.60 -4.67 -19.84
CA ALA A 82 -30.16 -3.48 -20.57
C ALA A 82 -28.63 -3.52 -20.62
N LEU A 83 -28.10 -3.86 -21.79
CA LEU A 83 -26.65 -4.11 -21.91
C LEU A 83 -25.86 -2.86 -22.31
N GLY A 84 -24.55 -2.86 -22.02
CA GLY A 84 -23.68 -1.73 -22.39
C GLY A 84 -23.13 -0.95 -21.20
N MET A 85 -22.19 -0.04 -21.48
CA MET A 85 -21.58 0.80 -20.46
C MET A 85 -22.55 1.87 -19.98
N ASP A 86 -23.06 1.68 -18.77
CA ASP A 86 -24.04 2.59 -18.18
C ASP A 86 -23.40 3.83 -17.57
N ASP A 87 -22.07 3.81 -17.40
CA ASP A 87 -21.34 5.01 -16.96
C ASP A 87 -20.89 5.74 -18.22
N PHE A 88 -21.66 6.75 -18.60
CA PHE A 88 -21.55 7.34 -19.93
C PHE A 88 -20.23 8.09 -20.15
N LYS A 89 -19.65 8.62 -19.09
CA LYS A 89 -18.34 9.26 -19.29
C LYS A 89 -17.24 8.29 -19.72
N LEU A 90 -17.30 7.06 -19.22
CA LEU A 90 -16.37 6.00 -19.65
C LEU A 90 -16.60 5.63 -21.12
N ALA A 91 -17.86 5.57 -21.55
CA ALA A 91 -18.17 5.39 -22.96
C ALA A 91 -17.65 6.58 -23.79
N TYR A 92 -17.86 7.79 -23.30
CA TYR A 92 -17.35 8.99 -23.98
C TYR A 92 -15.83 8.90 -24.18
N LEU A 93 -15.10 8.51 -23.14
CA LEU A 93 -13.64 8.44 -23.23
C LEU A 93 -13.21 7.36 -24.22
N SER A 94 -13.94 6.25 -24.21
CA SER A 94 -13.66 5.15 -25.12
C SER A 94 -13.84 5.54 -26.59
N ASP A 95 -14.86 6.34 -26.88
CA ASP A 95 -15.11 6.86 -28.24
C ASP A 95 -14.09 7.93 -28.63
N THR A 96 -13.73 8.78 -27.67
CA THR A 96 -12.91 9.96 -27.98
C THR A 96 -11.42 9.63 -28.04
N TYR A 97 -11.01 8.60 -27.31
CA TYR A 97 -9.62 8.17 -27.24
C TYR A 97 -9.50 6.71 -27.61
N ASN A 98 -9.83 6.40 -28.86
CA ASN A 98 -9.85 5.03 -29.33
C ASN A 98 -8.46 4.57 -29.79
N TYR A 99 -7.50 4.69 -28.87
CA TYR A 99 -6.11 4.30 -29.08
C TYR A 99 -5.46 4.21 -27.70
N GLU A 100 -4.28 3.61 -27.63
CA GLU A 100 -3.54 3.57 -26.36
C GLU A 100 -3.07 4.98 -26.03
N ILE A 101 -3.50 5.50 -24.89
CA ILE A 101 -3.19 6.89 -24.54
C ILE A 101 -1.72 7.09 -24.22
N LYS A 102 -1.11 8.06 -24.88
CA LYS A 102 0.23 8.51 -24.53
C LYS A 102 0.07 9.89 -23.91
N TYR A 103 0.42 10.02 -22.62
CA TYR A 103 0.26 11.30 -21.94
C TYR A 103 1.60 11.97 -21.68
N ASP A 104 1.58 13.29 -21.55
CA ASP A 104 2.76 14.08 -21.23
C ASP A 104 2.50 14.72 -19.88
N HIS A 105 3.10 14.16 -18.83
CA HIS A 105 2.87 14.65 -17.46
C HIS A 105 3.20 16.15 -17.28
N THR A 106 4.13 16.66 -18.09
CA THR A 106 4.56 18.07 -17.99
C THR A 106 3.45 19.06 -18.37
N LYS A 107 2.41 18.56 -19.05
CA LYS A 107 1.26 19.36 -19.48
C LYS A 107 0.09 19.27 -18.50
N ILE A 108 0.20 18.38 -17.51
CA ILE A 108 -0.86 18.16 -16.53
C ILE A 108 -0.57 18.99 -15.29
N ARG A 109 -1.52 19.87 -14.94
CA ARG A 109 -1.32 20.76 -13.80
C ARG A 109 -1.58 20.02 -12.51
N VAL A 110 -0.51 19.75 -11.77
CA VAL A 110 -0.62 19.05 -10.50
C VAL A 110 -0.43 20.07 -9.38
N ALA A 111 -1.46 20.22 -8.56
CA ALA A 111 -1.41 21.20 -7.49
C ALA A 111 -1.33 20.50 -6.14
N ASN A 112 -0.41 21.00 -5.32
CA ASN A 112 -0.16 20.49 -3.99
C ASN A 112 -0.38 21.67 -3.05
N PHE A 113 -1.37 21.58 -2.15
CA PHE A 113 -1.63 22.70 -1.26
C PHE A 113 -1.90 22.30 0.19
N ASP A 114 -1.86 23.30 1.08
CA ASP A 114 -2.05 23.12 2.51
C ASP A 114 -2.50 24.46 3.06
N ILE A 115 -3.43 24.44 4.01
CA ILE A 115 -3.93 25.67 4.61
C ILE A 115 -3.69 25.71 6.12
N GLU A 116 -3.64 26.92 6.67
CA GLU A 116 -3.58 27.07 8.11
C GLU A 116 -4.79 27.84 8.58
N VAL A 117 -5.31 27.41 9.73
CA VAL A 117 -6.47 28.05 10.36
C VAL A 117 -6.23 28.11 11.86
N THR A 118 -6.01 29.32 12.39
CA THR A 118 -5.85 29.50 13.83
C THR A 118 -7.21 29.30 14.51
N SER A 119 -7.24 28.46 15.55
CA SER A 119 -8.47 28.17 16.28
C SER A 119 -8.26 28.10 17.79
N PRO A 120 -8.78 29.10 18.53
CA PRO A 120 -8.62 29.14 19.99
C PRO A 120 -9.54 28.17 20.76
N ASP A 121 -10.48 27.54 20.06
CA ASP A 121 -11.48 26.69 20.70
C ASP A 121 -11.56 25.27 20.13
N GLY A 122 -10.41 24.61 20.07
CA GLY A 122 -10.35 23.22 19.62
C GLY A 122 -10.16 23.10 18.12
N PHE A 123 -10.40 21.90 17.60
CA PHE A 123 -10.21 21.61 16.18
C PHE A 123 -11.21 22.36 15.30
N PRO A 124 -10.70 23.04 14.26
CA PRO A 124 -11.55 23.82 13.36
C PRO A 124 -12.31 22.94 12.38
N GLU A 125 -13.57 22.63 12.69
CA GLU A 125 -14.42 21.80 11.84
C GLU A 125 -14.69 22.39 10.44
N PRO A 126 -14.29 21.67 9.39
CA PRO A 126 -14.44 22.17 8.02
C PRO A 126 -15.90 22.44 7.63
N SER A 127 -16.83 21.69 8.21
CA SER A 127 -18.26 21.90 7.94
C SER A 127 -18.76 23.26 8.45
N GLN A 128 -18.18 23.74 9.56
CA GLN A 128 -18.56 25.02 10.14
C GLN A 128 -17.70 26.16 9.58
N ALA A 129 -16.43 25.87 9.32
CA ALA A 129 -15.46 26.86 8.87
C ALA A 129 -15.67 28.23 9.53
N LYS A 130 -15.67 28.24 10.86
CA LYS A 130 -15.99 29.46 11.58
C LYS A 130 -14.79 30.36 11.84
N HIS A 131 -13.60 29.88 11.51
CA HIS A 131 -12.37 30.65 11.74
C HIS A 131 -11.70 31.08 10.43
N PRO A 132 -10.99 32.23 10.46
CA PRO A 132 -10.30 32.68 9.26
C PRO A 132 -9.23 31.69 8.77
N ILE A 133 -9.14 31.54 7.46
CA ILE A 133 -7.99 30.91 6.83
C ILE A 133 -6.87 31.94 6.85
N ASP A 134 -5.79 31.67 7.58
CA ASP A 134 -4.73 32.67 7.72
C ASP A 134 -3.45 32.35 6.95
N ALA A 135 -3.38 31.19 6.30
CA ALA A 135 -2.31 30.89 5.36
C ALA A 135 -2.72 29.85 4.33
N ILE A 136 -2.32 30.06 3.07
CA ILE A 136 -2.38 28.99 2.07
C ILE A 136 -1.06 28.95 1.33
N THR A 137 -0.47 27.76 1.23
CA THR A 137 0.64 27.54 0.31
C THR A 137 0.16 26.57 -0.76
N HIS A 138 0.31 26.99 -2.01
CA HIS A 138 -0.19 26.24 -3.15
C HIS A 138 0.93 26.09 -4.18
N TYR A 139 1.44 24.87 -4.31
CA TYR A 139 2.49 24.54 -5.27
C TYR A 139 1.89 24.11 -6.60
N ASP A 140 2.37 24.72 -7.68
CA ASP A 140 1.92 24.43 -9.04
C ASP A 140 3.02 23.72 -9.83
N SER A 141 2.73 22.53 -10.34
CA SER A 141 3.75 21.73 -11.03
C SER A 141 4.20 22.28 -12.40
N ILE A 142 3.34 23.06 -13.05
CA ILE A 142 3.67 23.66 -14.35
C ILE A 142 4.59 24.87 -14.18
N ASP A 143 4.28 25.75 -13.21
CA ASP A 143 5.13 26.89 -12.89
C ASP A 143 6.36 26.48 -12.07
N ASP A 144 6.25 25.35 -11.36
CA ASP A 144 7.26 24.93 -10.39
C ASP A 144 7.50 26.05 -9.38
N ARG A 145 6.40 26.56 -8.83
CA ARG A 145 6.46 27.64 -7.84
C ARG A 145 5.53 27.36 -6.66
N PHE A 146 5.97 27.81 -5.48
CA PHE A 146 5.15 27.79 -4.28
C PHE A 146 4.52 29.17 -4.11
N TYR A 147 3.20 29.22 -4.25
CA TYR A 147 2.44 30.46 -4.09
C TYR A 147 1.94 30.53 -2.65
N VAL A 148 2.38 31.56 -1.95
CA VAL A 148 2.10 31.69 -0.51
C VAL A 148 1.15 32.86 -0.29
N PHE A 149 -0.01 32.55 0.29
CA PHE A 149 -1.03 33.55 0.59
C PHE A 149 -1.08 33.71 2.11
N ASP A 150 -0.67 34.88 2.59
CA ASP A 150 -0.41 35.11 4.02
C ASP A 150 -1.31 36.21 4.60
N LEU A 151 -2.15 35.85 5.57
CA LEU A 151 -3.05 36.82 6.19
C LEU A 151 -2.36 37.55 7.33
N LEU A 152 -2.17 38.85 7.16
CA LEU A 152 -1.45 39.64 8.17
C LEU A 152 -2.36 40.18 9.27
N ASN A 153 -3.65 40.34 8.96
CA ASN A 153 -4.60 40.91 9.89
C ASN A 153 -5.77 39.99 10.09
N SER A 154 -5.97 39.57 11.34
CA SER A 154 -7.01 38.62 11.71
C SER A 154 -7.60 39.03 13.06
N PRO A 155 -8.84 38.59 13.36
CA PRO A 155 -9.36 38.77 14.71
C PRO A 155 -8.53 38.04 15.79
N TYR A 156 -7.69 37.09 15.39
CA TYR A 156 -6.81 36.40 16.33
C TYR A 156 -5.38 36.96 16.34
N GLY A 157 -5.21 38.14 15.75
CA GLY A 157 -3.93 38.85 15.86
C GLY A 157 -3.46 39.49 14.57
N ASN A 158 -2.84 40.66 14.69
CA ASN A 158 -2.14 41.28 13.57
C ASN A 158 -0.66 41.00 13.67
N VAL A 159 -0.06 40.65 12.53
CA VAL A 159 1.32 40.18 12.48
C VAL A 159 2.12 40.87 11.39
N GLU A 160 3.44 40.72 11.44
CA GLU A 160 4.33 41.26 10.42
C GLU A 160 4.44 40.31 9.24
N GLU A 161 4.89 40.81 8.09
CA GLU A 161 5.18 39.95 6.94
C GLU A 161 6.22 38.90 7.28
N TRP A 162 6.07 37.74 6.65
CA TRP A 162 7.07 36.68 6.72
C TRP A 162 8.31 37.13 5.95
N SER A 163 9.48 36.83 6.50
CA SER A 163 10.75 37.17 5.89
C SER A 163 11.41 35.96 5.22
N ILE A 164 11.58 36.02 3.90
CA ILE A 164 12.26 34.95 3.15
C ILE A 164 13.72 34.81 3.62
N GLU A 165 14.33 35.92 4.03
CA GLU A 165 15.72 35.91 4.48
C GLU A 165 15.88 35.10 5.76
N ILE A 166 15.03 35.36 6.77
CA ILE A 166 15.05 34.59 8.02
C ILE A 166 14.68 33.12 7.76
N ALA A 167 13.71 32.91 6.88
CA ALA A 167 13.22 31.57 6.55
C ALA A 167 14.33 30.64 6.03
N ALA A 168 15.25 31.22 5.25
CA ALA A 168 16.39 30.51 4.65
C ALA A 168 17.47 30.16 5.67
N LYS A 169 17.59 30.97 6.72
CA LYS A 169 18.67 30.80 7.71
C LYS A 169 18.55 29.49 8.48
N LEU A 170 19.68 29.01 8.98
CA LEU A 170 19.73 27.81 9.83
C LEU A 170 18.90 28.01 11.10
N GLN A 171 18.40 26.92 11.67
CA GLN A 171 17.70 26.99 12.96
C GLN A 171 18.60 27.61 14.02
N GLU A 172 19.92 27.41 13.87
CA GLU A 172 20.93 27.91 14.80
C GLU A 172 21.24 29.41 14.65
N GLN A 173 20.68 30.01 13.61
CA GLN A 173 20.76 31.46 13.39
C GLN A 173 19.44 32.11 13.74
N GLY A 174 18.50 31.32 14.25
CA GLY A 174 17.15 31.80 14.52
C GLY A 174 16.26 31.65 13.32
N GLY A 175 16.74 30.95 12.29
CA GLY A 175 15.99 30.79 11.05
C GLY A 175 15.06 29.58 11.05
N ASP A 176 14.38 29.35 9.92
CA ASP A 176 13.45 28.23 9.82
C ASP A 176 13.98 27.08 8.97
N GLU A 177 15.16 27.27 8.37
CA GLU A 177 15.77 26.26 7.49
C GLU A 177 14.88 25.78 6.35
N VAL A 178 14.17 26.71 5.71
CA VAL A 178 13.45 26.38 4.48
C VAL A 178 14.52 25.98 3.46
N PRO A 179 14.39 24.76 2.87
CA PRO A 179 15.46 24.22 2.02
C PRO A 179 15.87 25.19 0.93
N SER A 180 17.18 25.37 0.79
CA SER A 180 17.73 26.29 -0.19
C SER A 180 17.20 26.02 -1.59
N GLU A 181 16.98 24.75 -1.93
CA GLU A 181 16.51 24.41 -3.28
C GLU A 181 15.10 24.91 -3.64
N ILE A 182 14.32 25.38 -2.66
CA ILE A 182 12.99 25.94 -2.95
C ILE A 182 12.88 27.46 -2.70
N ILE A 183 13.90 28.02 -2.07
CA ILE A 183 13.88 29.45 -1.71
C ILE A 183 13.53 30.35 -2.90
N ASP A 184 14.16 30.09 -4.05
CA ASP A 184 13.98 30.91 -5.25
C ASP A 184 12.66 30.63 -5.96
N LYS A 185 11.90 29.66 -5.46
CA LYS A 185 10.64 29.22 -6.10
C LYS A 185 9.41 29.68 -5.34
N ILE A 186 9.62 30.49 -4.30
CA ILE A 186 8.52 30.98 -3.48
C ILE A 186 8.05 32.35 -3.99
N ILE A 187 6.75 32.45 -4.20
CA ILE A 187 6.12 33.69 -4.59
C ILE A 187 5.21 34.07 -3.41
N TYR A 188 5.60 35.11 -2.69
CA TYR A 188 4.96 35.44 -1.40
C TYR A 188 4.00 36.62 -1.52
N MET A 189 2.75 36.41 -1.10
CA MET A 189 1.72 37.43 -1.20
C MET A 189 1.03 37.66 0.14
N PRO A 190 1.34 38.81 0.79
CA PRO A 190 0.68 39.15 2.05
C PRO A 190 -0.65 39.87 1.82
N PHE A 191 -1.59 39.72 2.74
CA PHE A 191 -2.92 40.33 2.61
C PHE A 191 -3.32 40.96 3.94
N ASP A 192 -3.98 42.12 3.89
CA ASP A 192 -4.38 42.76 5.13
C ASP A 192 -5.81 42.43 5.58
N ASN A 193 -6.50 41.62 4.78
CA ASN A 193 -7.80 41.06 5.18
C ASN A 193 -8.11 39.75 4.46
N GLU A 194 -8.89 38.90 5.11
CA GLU A 194 -9.16 37.55 4.60
C GLU A 194 -9.96 37.57 3.30
N LYS A 195 -10.87 38.53 3.16
CA LYS A 195 -11.72 38.59 1.97
C LYS A 195 -10.86 38.76 0.71
N GLU A 196 -9.91 39.70 0.74
CA GLU A 196 -9.04 39.90 -0.41
CA GLU A 196 -9.02 39.92 -0.39
C GLU A 196 -8.14 38.68 -0.65
N LEU A 197 -7.66 38.04 0.42
CA LEU A 197 -6.85 36.82 0.28
C LEU A 197 -7.62 35.76 -0.52
N LEU A 198 -8.86 35.52 -0.12
CA LEU A 198 -9.66 34.47 -0.73
C LEU A 198 -10.09 34.81 -2.16
N MET A 199 -10.41 36.08 -2.41
CA MET A 199 -10.78 36.52 -3.76
C MET A 199 -9.61 36.37 -4.73
N GLU A 200 -8.42 36.77 -4.28
CA GLU A 200 -7.21 36.58 -5.07
C GLU A 200 -6.89 35.08 -5.25
N TYR A 201 -7.05 34.28 -4.20
CA TYR A 201 -6.86 32.82 -4.33
C TYR A 201 -7.77 32.22 -5.40
N LEU A 202 -9.02 32.64 -5.43
CA LEU A 202 -9.94 32.17 -6.47
C LEU A 202 -9.58 32.64 -7.87
N ASN A 203 -9.13 33.89 -8.00
CA ASN A 203 -8.66 34.38 -9.32
C ASN A 203 -7.45 33.60 -9.79
N PHE A 204 -6.56 33.30 -8.85
CA PHE A 204 -5.37 32.48 -9.08
C PHE A 204 -5.78 31.08 -9.53
N TRP A 205 -6.73 30.50 -8.79
CA TRP A 205 -7.26 29.15 -9.10
C TRP A 205 -7.83 29.10 -10.51
N GLN A 206 -8.54 30.15 -10.91
CA GLN A 206 -9.09 30.25 -12.29
C GLN A 206 -7.99 30.25 -13.33
N GLN A 207 -6.91 30.98 -13.06
CA GLN A 207 -5.77 31.05 -13.97
C GLN A 207 -5.03 29.72 -14.05
N LYS A 208 -4.91 29.07 -12.90
CA LYS A 208 -4.07 27.88 -12.76
C LYS A 208 -4.90 26.78 -12.13
N THR A 209 -5.94 26.35 -12.83
CA THR A 209 -6.91 25.40 -12.31
C THR A 209 -6.31 24.01 -12.22
N PRO A 210 -6.19 23.47 -11.00
CA PRO A 210 -5.58 22.14 -10.85
C PRO A 210 -6.33 21.09 -11.68
N VAL A 211 -5.57 20.15 -12.26
CA VAL A 211 -6.14 18.94 -12.85
C VAL A 211 -6.10 17.85 -11.78
N ILE A 212 -4.91 17.60 -11.26
CA ILE A 212 -4.69 16.74 -10.11
C ILE A 212 -4.51 17.64 -8.90
N LEU A 213 -5.30 17.36 -7.86
CA LEU A 213 -5.22 18.15 -6.63
C LEU A 213 -4.87 17.21 -5.49
N THR A 214 -3.76 17.52 -4.84
CA THR A 214 -3.26 16.65 -3.79
C THR A 214 -2.73 17.49 -2.63
N GLY A 215 -2.14 16.81 -1.64
CA GLY A 215 -1.67 17.44 -0.42
C GLY A 215 -1.93 16.42 0.68
N TRP A 216 -1.84 16.85 1.94
CA TRP A 216 -2.01 15.93 3.06
C TRP A 216 -3.32 16.20 3.80
N ASN A 217 -4.22 15.22 3.77
CA ASN A 217 -5.60 15.36 4.30
C ASN A 217 -6.41 16.46 3.62
N VAL A 218 -6.07 16.75 2.36
CA VAL A 218 -6.80 17.81 1.63
C VAL A 218 -8.27 17.46 1.43
N GLU A 219 -8.56 16.18 1.18
CA GLU A 219 -9.95 15.78 0.92
C GLU A 219 -10.83 15.90 2.16
N SER A 220 -10.27 15.62 3.33
CA SER A 220 -11.06 15.65 4.56
C SER A 220 -10.98 16.99 5.31
N PHE A 221 -9.88 17.73 5.13
CA PHE A 221 -9.74 19.05 5.77
C PHE A 221 -9.63 20.25 4.81
N ALA A 222 -8.54 20.35 4.05
CA ALA A 222 -8.29 21.60 3.32
C ALA A 222 -9.39 21.98 2.32
N ILE A 223 -9.81 21.02 1.50
CA ILE A 223 -10.83 21.31 0.47
C ILE A 223 -12.19 21.71 1.09
N PRO A 224 -12.73 20.90 2.03
CA PRO A 224 -14.00 21.31 2.63
C PRO A 224 -13.90 22.60 3.44
N TYR A 225 -12.78 22.81 4.14
CA TYR A 225 -12.63 24.05 4.89
C TYR A 225 -12.66 25.26 3.97
N VAL A 226 -11.87 25.21 2.90
CA VAL A 226 -11.77 26.34 1.97
C VAL A 226 -13.13 26.58 1.32
N TYR A 227 -13.75 25.50 0.85
CA TYR A 227 -15.08 25.60 0.23
C TYR A 227 -16.10 26.22 1.17
N ASN A 228 -16.17 25.71 2.40
CA ASN A 228 -17.16 26.21 3.36
C ASN A 228 -16.89 27.62 3.86
N ARG A 229 -15.62 27.98 4.00
CA ARG A 229 -15.25 29.31 4.44
C ARG A 229 -15.63 30.37 3.39
N ILE A 230 -15.32 30.07 2.13
CA ILE A 230 -15.70 30.95 1.02
C ILE A 230 -17.22 31.03 0.92
N LYS A 231 -17.87 29.86 1.05
CA LYS A 231 -19.33 29.80 1.06
C LYS A 231 -19.93 30.69 2.16
N ASN A 232 -19.36 30.62 3.36
CA ASN A 232 -19.82 31.43 4.48
C ASN A 232 -19.65 32.93 4.27
N ILE A 233 -18.51 33.33 3.70
CA ILE A 233 -18.19 34.75 3.51
C ILE A 233 -18.90 35.35 2.29
N PHE A 234 -18.92 34.61 1.18
CA PHE A 234 -19.36 35.14 -0.11
C PHE A 234 -20.64 34.53 -0.66
N GLY A 235 -20.99 33.33 -0.20
CA GLY A 235 -22.14 32.63 -0.75
C GLY A 235 -21.70 31.46 -1.62
N GLU A 236 -22.66 30.60 -1.92
CA GLU A 236 -22.43 29.35 -2.66
C GLU A 236 -21.80 29.48 -4.04
N SER A 237 -22.24 30.47 -4.80
CA SER A 237 -21.81 30.61 -6.19
C SER A 237 -20.32 30.91 -6.26
N THR A 238 -19.83 31.70 -5.32
CA THR A 238 -18.40 32.00 -5.24
C THR A 238 -17.60 30.76 -4.86
N ALA A 239 -18.13 29.97 -3.92
CA ALA A 239 -17.44 28.74 -3.50
C ALA A 239 -17.32 27.73 -4.64
N LYS A 240 -18.33 27.69 -5.51
CA LYS A 240 -18.34 26.77 -6.65
C LYS A 240 -17.31 27.09 -7.73
N ARG A 241 -16.69 28.27 -7.64
CA ARG A 241 -15.57 28.64 -8.53
C ARG A 241 -14.34 27.74 -8.35
N LEU A 242 -14.35 26.92 -7.30
CA LEU A 242 -13.32 25.90 -7.11
C LEU A 242 -13.47 24.78 -8.15
N SER A 243 -14.67 24.65 -8.71
CA SER A 243 -14.91 23.75 -9.83
C SER A 243 -14.81 24.52 -11.15
N PRO A 244 -14.07 23.97 -12.13
CA PRO A 244 -13.96 24.67 -13.40
C PRO A 244 -15.30 24.69 -14.15
N HIS A 245 -16.22 23.83 -13.74
CA HIS A 245 -17.55 23.80 -14.36
C HIS A 245 -18.59 24.36 -13.40
N ARG A 246 -18.15 24.98 -12.32
CA ARG A 246 -19.03 25.55 -11.29
C ARG A 246 -20.06 24.57 -10.72
N LYS A 247 -19.70 23.30 -10.69
CA LYS A 247 -20.57 22.30 -10.07
C LYS A 247 -19.84 21.58 -8.97
N THR A 248 -20.51 21.45 -7.82
CA THR A 248 -19.96 20.71 -6.69
C THR A 248 -21.06 19.85 -6.09
N ARG A 249 -20.65 18.80 -5.38
CA ARG A 249 -21.59 17.99 -4.62
C ARG A 249 -21.08 17.86 -3.20
N VAL A 250 -21.94 18.15 -2.23
CA VAL A 250 -21.62 17.94 -0.83
C VAL A 250 -21.94 16.47 -0.52
N LYS A 251 -20.92 15.64 -0.64
CA LYS A 251 -21.09 14.18 -0.67
C LYS A 251 -20.65 13.52 0.63
N VAL A 252 -21.55 12.72 1.20
CA VAL A 252 -21.33 12.03 2.47
C VAL A 252 -20.76 10.62 2.24
N ILE A 253 -19.70 10.29 2.99
CA ILE A 253 -19.07 8.97 2.91
C ILE A 253 -19.68 8.03 3.97
N GLU A 254 -20.19 6.88 3.51
CA GLU A 254 -20.77 5.87 4.40
C GLU A 254 -19.92 4.61 4.46
N ASN A 255 -19.39 4.31 5.65
CA ASN A 255 -18.65 3.06 5.88
C ASN A 255 -19.14 2.30 7.11
N MET A 256 -18.20 1.69 7.84
CA MET A 256 -18.51 0.82 8.98
C MET A 256 -19.42 1.49 10.02
N TYR A 257 -18.98 2.63 10.55
CA TYR A 257 -19.77 3.40 11.52
C TYR A 257 -19.66 4.89 11.26
N GLY A 258 -20.78 5.60 11.42
CA GLY A 258 -20.82 7.05 11.23
C GLY A 258 -20.60 7.48 9.80
N SER A 259 -20.42 8.80 9.61
CA SER A 259 -20.24 9.39 8.29
C SER A 259 -19.56 10.76 8.34
N ARG A 260 -18.88 11.11 7.25
CA ARG A 260 -18.21 12.41 7.13
C ARG A 260 -18.50 13.07 5.76
N GLU A 261 -18.33 14.39 5.70
CA GLU A 261 -18.73 15.20 4.54
C GLU A 261 -17.54 15.61 3.68
N ILE A 262 -17.54 15.16 2.42
CA ILE A 262 -16.54 15.65 1.47
C ILE A 262 -17.20 16.42 0.33
N ILE A 263 -16.42 17.29 -0.31
CA ILE A 263 -16.92 18.13 -1.37
C ILE A 263 -16.36 17.62 -2.68
N THR A 264 -17.24 17.16 -3.56
CA THR A 264 -16.83 16.75 -4.89
C THR A 264 -16.75 18.02 -5.74
N LEU A 265 -15.56 18.25 -6.31
CA LEU A 265 -15.33 19.36 -7.22
C LEU A 265 -15.33 18.81 -8.64
N PHE A 266 -16.42 19.03 -9.37
CA PHE A 266 -16.51 18.53 -10.74
C PHE A 266 -15.42 19.16 -11.59
N GLY A 267 -14.75 18.34 -12.40
CA GLY A 267 -13.70 18.81 -13.30
C GLY A 267 -12.33 18.91 -12.65
N ILE A 268 -12.22 18.42 -11.42
CA ILE A 268 -10.94 18.25 -10.73
C ILE A 268 -10.82 16.78 -10.30
N SER A 269 -9.60 16.24 -10.30
CA SER A 269 -9.33 14.91 -9.79
C SER A 269 -8.52 15.03 -8.50
N VAL A 270 -9.19 14.84 -7.37
CA VAL A 270 -8.53 14.93 -6.07
C VAL A 270 -7.91 13.57 -5.75
N LEU A 271 -6.59 13.55 -5.57
CA LEU A 271 -5.89 12.40 -5.03
C LEU A 271 -5.21 12.83 -3.74
N ASP A 272 -5.92 12.71 -2.62
CA ASP A 272 -5.34 13.07 -1.32
C ASP A 272 -4.09 12.20 -1.10
N TYR A 273 -2.95 12.81 -0.77
CA TYR A 273 -1.73 12.01 -0.64
C TYR A 273 -1.81 10.97 0.50
N ILE A 274 -2.56 11.27 1.56
CA ILE A 274 -2.72 10.30 2.64
C ILE A 274 -3.40 9.03 2.12
N ASP A 275 -4.36 9.20 1.21
CA ASP A 275 -5.06 8.05 0.64
C ASP A 275 -4.17 7.31 -0.35
N LEU A 276 -3.43 8.05 -1.18
CA LEU A 276 -2.45 7.46 -2.07
C LEU A 276 -1.47 6.61 -1.24
N TYR A 277 -0.98 7.18 -0.15
CA TYR A 277 0.03 6.51 0.67
C TYR A 277 -0.55 5.23 1.26
N LYS A 278 -1.76 5.31 1.81
CA LYS A 278 -2.39 4.14 2.39
C LYS A 278 -2.66 3.01 1.37
N LYS A 279 -3.07 3.35 0.16
CA LYS A 279 -3.34 2.32 -0.84
C LYS A 279 -2.06 1.72 -1.46
N PHE A 280 -1.06 2.57 -1.69
CA PHE A 280 0.05 2.20 -2.55
C PHE A 280 1.39 1.94 -1.85
N SER A 281 1.49 2.28 -0.57
CA SER A 281 2.78 2.19 0.13
C SER A 281 3.09 0.81 0.70
N PHE A 282 2.05 0.00 0.93
CA PHE A 282 2.17 -1.28 1.66
C PHE A 282 2.98 -1.16 2.95
N THR A 283 2.71 -0.08 3.68
CA THR A 283 3.14 0.05 5.06
C THR A 283 1.88 0.06 5.89
N ASN A 284 2.02 -0.09 7.19
CA ASN A 284 0.97 0.31 8.10
C ASN A 284 1.65 1.06 9.21
N GLN A 285 1.26 2.31 9.39
CA GLN A 285 2.01 3.20 10.27
C GLN A 285 1.25 3.40 11.57
N PRO A 286 1.98 3.60 12.68
CA PRO A 286 1.35 3.90 13.98
C PRO A 286 0.66 5.25 13.97
N SER A 287 1.07 6.12 13.06
CA SER A 287 0.55 7.48 12.95
C SER A 287 0.64 7.95 11.50
N TYR A 288 -0.33 8.76 11.09
CA TYR A 288 -0.35 9.31 9.73
C TYR A 288 -0.26 10.83 9.70
N SER A 289 0.30 11.41 10.77
CA SER A 289 0.63 12.83 10.74
C SER A 289 1.75 12.99 9.73
N LEU A 290 1.80 14.15 9.06
CA LEU A 290 2.80 14.39 8.04
C LEU A 290 4.21 14.41 8.64
N ASP A 291 4.34 14.93 9.85
CA ASP A 291 5.59 14.86 10.60
C ASP A 291 6.07 13.42 10.69
N TYR A 292 5.18 12.52 11.11
CA TYR A 292 5.55 11.12 11.31
C TYR A 292 5.96 10.46 10.01
N ILE A 293 5.15 10.63 8.97
CA ILE A 293 5.40 9.99 7.68
C ILE A 293 6.64 10.56 7.00
N SER A 294 6.83 11.88 7.14
CA SER A 294 8.02 12.53 6.57
C SER A 294 9.30 12.00 7.18
N GLU A 295 9.32 11.84 8.50
CA GLU A 295 10.48 11.32 9.19
C GLU A 295 10.78 9.88 8.75
N PHE A 296 9.72 9.07 8.63
CA PHE A 296 9.86 7.70 8.19
C PHE A 296 10.40 7.58 6.76
N GLU A 297 9.85 8.38 5.85
CA GLU A 297 10.16 8.27 4.43
C GLU A 297 11.45 8.97 4.06
N LEU A 298 11.72 10.10 4.69
CA LEU A 298 12.79 11.00 4.23
C LEU A 298 13.90 11.18 5.25
N ASN A 299 13.66 10.69 6.47
CA ASN A 299 14.59 10.89 7.60
C ASN A 299 14.83 12.36 7.92
N VAL A 300 13.78 13.17 7.82
CA VAL A 300 13.84 14.57 8.20
C VAL A 300 13.29 14.69 9.61
N GLY A 301 13.89 15.58 10.40
CA GLY A 301 13.47 15.80 11.78
C GLY A 301 12.13 16.52 11.85
N LYS A 302 11.38 16.23 12.93
CA LYS A 302 10.09 16.86 13.19
C LYS A 302 10.17 18.39 13.16
N LEU A 303 9.17 19.03 12.56
CA LEU A 303 9.04 20.50 12.57
C LEU A 303 8.82 20.99 14.00
N LYS A 304 9.87 21.61 14.56
CA LYS A 304 9.91 21.94 15.98
C LYS A 304 9.44 23.37 16.25
N TYR A 305 8.45 23.50 17.13
CA TYR A 305 8.00 24.81 17.62
C TYR A 305 7.54 24.71 19.08
N ASP A 306 7.55 25.86 19.77
CA ASP A 306 7.08 25.96 21.15
C ASP A 306 5.59 26.29 21.22
N GLY A 307 4.91 25.73 22.23
CA GLY A 307 3.50 26.01 22.47
C GLY A 307 2.57 25.34 21.48
N PRO A 308 1.24 25.49 21.69
CA PRO A 308 0.26 24.88 20.80
C PRO A 308 0.16 25.59 19.46
N ILE A 309 -0.26 24.86 18.43
CA ILE A 309 -0.44 25.43 17.09
C ILE A 309 -1.46 26.57 17.11
N SER A 310 -2.36 26.54 18.09
CA SER A 310 -3.38 27.58 18.26
C SER A 310 -2.79 28.94 18.65
N LYS A 311 -1.55 28.93 19.14
CA LYS A 311 -0.89 30.17 19.52
C LYS A 311 0.38 30.43 18.70
N LEU A 312 0.67 29.55 17.75
CA LEU A 312 1.89 29.68 16.94
C LEU A 312 1.89 30.91 16.04
N ARG A 313 0.76 31.22 15.43
CA ARG A 313 0.71 32.39 14.55
C ARG A 313 0.98 33.70 15.30
N GLU A 314 0.37 33.87 16.47
CA GLU A 314 0.58 35.11 17.23
C GLU A 314 1.97 35.18 17.86
N SER A 315 2.48 34.05 18.34
CA SER A 315 3.77 34.02 19.00
C SER A 315 4.95 33.99 18.03
N ASN A 316 4.78 33.35 16.87
CA ASN A 316 5.87 33.19 15.92
C ASN A 316 5.36 32.98 14.50
N HIS A 317 4.74 34.03 13.94
CA HIS A 317 4.18 34.02 12.59
C HIS A 317 5.23 33.64 11.54
N GLN A 318 6.46 34.10 11.75
CA GLN A 318 7.59 33.73 10.88
C GLN A 318 7.70 32.23 10.69
N ARG A 319 7.78 31.48 11.79
CA ARG A 319 7.87 30.04 11.76
C ARG A 319 6.55 29.41 11.26
N TYR A 320 5.45 30.02 11.64
CA TYR A 320 4.11 29.58 11.23
C TYR A 320 4.01 29.46 9.71
N ILE A 321 4.45 30.51 9.01
CA ILE A 321 4.42 30.50 7.54
C ILE A 321 5.48 29.56 6.96
N SER A 322 6.69 29.57 7.52
CA SER A 322 7.74 28.71 7.00
C SER A 322 7.33 27.25 7.08
N TYR A 323 6.68 26.87 8.18
CA TYR A 323 6.27 25.49 8.37
C TYR A 323 5.14 25.05 7.44
N ASN A 324 4.24 25.97 7.13
CA ASN A 324 3.21 25.77 6.09
C ASN A 324 3.85 25.49 4.73
N ILE A 325 4.89 26.26 4.37
CA ILE A 325 5.59 26.06 3.10
C ILE A 325 6.31 24.69 3.11
N ILE A 326 7.03 24.41 4.21
CA ILE A 326 7.78 23.17 4.33
C ILE A 326 6.85 21.95 4.25
N ALA A 327 5.71 22.04 4.90
CA ALA A 327 4.69 20.97 4.84
C ALA A 327 4.30 20.63 3.40
N VAL A 328 4.12 21.64 2.56
CA VAL A 328 3.80 21.38 1.15
C VAL A 328 4.95 20.68 0.46
N TYR A 329 6.16 21.19 0.69
CA TYR A 329 7.34 20.61 0.08
C TYR A 329 7.57 19.16 0.51
N ARG A 330 7.31 18.82 1.78
CA ARG A 330 7.53 17.46 2.24
CA ARG A 330 7.50 17.45 2.29
C ARG A 330 6.70 16.44 1.45
N VAL A 331 5.47 16.80 1.11
CA VAL A 331 4.62 15.92 0.29
C VAL A 331 5.22 15.71 -1.11
N LEU A 332 5.80 16.78 -1.68
CA LEU A 332 6.49 16.70 -2.95
C LEU A 332 7.73 15.82 -2.87
N GLN A 333 8.45 15.90 -1.75
CA GLN A 333 9.62 15.05 -1.53
C GLN A 333 9.22 13.58 -1.40
N ILE A 334 8.16 13.32 -0.64
CA ILE A 334 7.64 11.95 -0.52
C ILE A 334 7.24 11.42 -1.90
N ASP A 335 6.59 12.26 -2.71
CA ASP A 335 6.22 11.83 -4.06
C ASP A 335 7.41 11.62 -4.99
N ALA A 336 8.44 12.47 -4.86
CA ALA A 336 9.67 12.29 -5.63
C ALA A 336 10.25 10.90 -5.39
N LYS A 337 10.14 10.43 -4.14
CA LYS A 337 10.62 9.11 -3.75
C LYS A 337 9.67 7.98 -4.18
N ARG A 338 8.42 8.07 -3.76
CA ARG A 338 7.45 6.99 -3.93
C ARG A 338 6.78 6.95 -5.30
N GLN A 339 6.64 8.12 -5.93
CA GLN A 339 6.10 8.22 -7.30
C GLN A 339 4.65 7.68 -7.42
N PHE A 340 3.83 7.97 -6.41
CA PHE A 340 2.41 7.57 -6.44
C PHE A 340 1.56 8.37 -7.44
N ILE A 341 1.91 9.64 -7.67
CA ILE A 341 1.16 10.43 -8.66
C ILE A 341 1.43 9.85 -10.06
N ASN A 342 2.70 9.61 -10.37
CA ASN A 342 3.08 8.92 -11.60
C ASN A 342 2.32 7.61 -11.80
N LEU A 343 2.27 6.80 -10.73
CA LEU A 343 1.52 5.54 -10.76
C LEU A 343 0.04 5.74 -11.11
N SER A 344 -0.58 6.74 -10.49
CA SER A 344 -2.02 6.98 -10.66
C SER A 344 -2.32 7.41 -12.09
N LEU A 345 -1.48 8.28 -12.64
CA LEU A 345 -1.61 8.73 -14.02
C LEU A 345 -1.44 7.54 -14.99
N ASP A 346 -0.37 6.76 -14.81
CA ASP A 346 -0.14 5.53 -15.60
C ASP A 346 -1.38 4.63 -15.64
N MET A 347 -1.88 4.25 -14.46
CA MET A 347 -3.00 3.33 -14.35
C MET A 347 -4.33 3.92 -14.82
N GLY A 348 -4.56 5.19 -14.47
CA GLY A 348 -5.77 5.90 -14.90
C GLY A 348 -5.90 5.98 -16.41
N TYR A 349 -4.80 6.36 -17.07
CA TYR A 349 -4.80 6.51 -18.51
C TYR A 349 -4.86 5.15 -19.22
N TYR A 350 -4.21 4.15 -18.63
CA TYR A 350 -4.28 2.80 -19.16
C TYR A 350 -5.72 2.28 -19.21
N ALA A 351 -6.45 2.48 -18.11
CA ALA A 351 -7.83 1.98 -17.99
C ALA A 351 -8.84 2.86 -18.72
N LYS A 352 -8.44 4.10 -19.02
CA LYS A 352 -9.32 5.15 -19.55
C LYS A 352 -10.45 5.48 -18.55
N ILE A 353 -10.04 5.86 -17.34
CA ILE A 353 -10.95 6.25 -16.27
C ILE A 353 -10.59 7.65 -15.76
N GLN A 354 -11.49 8.23 -14.96
CA GLN A 354 -11.16 9.42 -14.19
C GLN A 354 -9.97 9.00 -13.33
N ILE A 355 -8.95 9.85 -13.24
CA ILE A 355 -7.73 9.47 -12.51
C ILE A 355 -8.05 9.03 -11.07
N GLN A 356 -9.00 9.71 -10.41
CA GLN A 356 -9.35 9.38 -9.02
C GLN A 356 -9.96 7.98 -8.86
N SER A 357 -10.37 7.38 -9.97
CA SER A 357 -10.91 6.02 -9.93
C SER A 357 -9.83 4.95 -9.72
N VAL A 358 -8.55 5.33 -9.74
CA VAL A 358 -7.50 4.34 -9.44
C VAL A 358 -7.62 3.76 -8.02
N PHE A 359 -8.37 4.43 -7.14
CA PHE A 359 -8.68 3.89 -5.81
C PHE A 359 -9.62 2.69 -5.80
N SER A 360 -10.28 2.46 -6.94
CA SER A 360 -11.24 1.36 -7.09
C SER A 360 -10.78 0.37 -8.16
N PRO A 361 -10.24 -0.77 -7.74
CA PRO A 361 -9.85 -1.81 -8.70
C PRO A 361 -11.06 -2.31 -9.50
N ILE A 362 -12.25 -2.33 -8.89
CA ILE A 362 -13.47 -2.72 -9.61
C ILE A 362 -13.78 -1.77 -10.77
N LYS A 363 -13.72 -0.46 -10.51
CA LYS A 363 -13.95 0.53 -11.57
C LYS A 363 -12.85 0.41 -12.63
N THR A 364 -11.61 0.22 -12.17
CA THR A 364 -10.47 0.12 -13.08
C THR A 364 -10.63 -1.05 -14.03
N TRP A 365 -10.94 -2.22 -13.49
CA TRP A 365 -11.10 -3.41 -14.29
C TRP A 365 -12.35 -3.35 -15.15
N ASP A 366 -13.41 -2.73 -14.62
CA ASP A 366 -14.63 -2.59 -15.43
C ASP A 366 -14.31 -1.84 -16.73
N ALA A 367 -13.51 -0.77 -16.61
CA ALA A 367 -13.14 0.04 -17.76
C ALA A 367 -12.15 -0.65 -18.70
N ILE A 368 -11.15 -1.32 -18.16
CA ILE A 368 -10.21 -2.12 -18.98
C ILE A 368 -10.97 -3.15 -19.81
N ILE A 369 -11.82 -3.92 -19.15
CA ILE A 369 -12.56 -5.00 -19.81
C ILE A 369 -13.55 -4.45 -20.85
N PHE A 370 -14.22 -3.35 -20.52
CA PHE A 370 -15.15 -2.68 -21.43
C PHE A 370 -14.45 -2.23 -22.71
N ASN A 371 -13.33 -1.53 -22.55
CA ASN A 371 -12.56 -1.06 -23.72
C ASN A 371 -12.03 -2.20 -24.59
N SER A 372 -11.61 -3.29 -23.94
CA SER A 372 -11.12 -4.48 -24.63
C SER A 372 -12.22 -5.11 -25.48
N LEU A 373 -13.36 -5.34 -24.86
CA LEU A 373 -14.50 -5.96 -25.53
C LEU A 373 -15.05 -5.10 -26.65
N LYS A 374 -15.15 -3.80 -26.40
CA LYS A 374 -15.62 -2.83 -27.39
C LYS A 374 -14.80 -2.88 -28.68
N GLU A 375 -13.49 -3.10 -28.55
CA GLU A 375 -12.61 -3.26 -29.70
C GLU A 375 -13.04 -4.34 -30.69
N GLN A 376 -13.73 -5.36 -30.19
CA GLN A 376 -14.20 -6.48 -31.00
C GLN A 376 -15.71 -6.38 -31.25
N ASN A 377 -16.27 -5.18 -31.05
CA ASN A 377 -17.72 -4.95 -31.17
C ASN A 377 -18.57 -5.81 -30.25
N LYS A 378 -17.98 -6.20 -29.12
CA LYS A 378 -18.70 -6.96 -28.13
C LYS A 378 -19.33 -6.03 -27.10
N VAL A 379 -20.36 -6.55 -26.42
CA VAL A 379 -21.23 -5.74 -25.60
C VAL A 379 -21.23 -6.31 -24.19
N ILE A 380 -20.92 -5.46 -23.21
CA ILE A 380 -20.78 -5.91 -21.83
C ILE A 380 -22.17 -6.20 -21.22
N PRO A 381 -22.26 -7.19 -20.31
CA PRO A 381 -23.55 -7.51 -19.68
C PRO A 381 -23.93 -6.44 -18.66
N GLN A 382 -25.21 -6.35 -18.33
CA GLN A 382 -25.64 -5.44 -17.29
C GLN A 382 -25.23 -5.96 -15.92
N GLY A 383 -24.86 -5.04 -15.03
CA GLY A 383 -24.62 -5.38 -13.63
C GLY A 383 -25.91 -5.82 -12.96
N ARG A 384 -25.79 -6.82 -12.09
CA ARG A 384 -26.93 -7.37 -11.34
C ARG A 384 -26.65 -7.34 -9.83
N SER A 385 -27.72 -7.41 -9.05
CA SER A 385 -27.60 -7.51 -7.60
C SER A 385 -27.33 -8.97 -7.20
N HIS A 386 -26.46 -9.17 -6.22
CA HIS A 386 -26.17 -10.52 -5.70
C HIS A 386 -26.02 -10.45 -4.18
N PRO A 387 -26.50 -11.49 -3.47
CA PRO A 387 -26.29 -11.57 -2.02
C PRO A 387 -24.83 -11.87 -1.70
N VAL A 388 -24.30 -11.27 -0.65
CA VAL A 388 -22.94 -11.55 -0.20
C VAL A 388 -22.90 -12.98 0.38
N GLN A 389 -22.00 -13.80 -0.15
CA GLN A 389 -21.85 -15.19 0.29
C GLN A 389 -20.38 -15.48 0.56
N PRO A 390 -20.07 -16.16 1.67
CA PRO A 390 -18.66 -16.54 1.92
C PRO A 390 -18.21 -17.62 0.94
N TYR A 391 -16.91 -17.69 0.67
CA TYR A 391 -16.36 -18.75 -0.17
C TYR A 391 -14.93 -19.10 0.26
N PRO A 392 -14.44 -20.31 -0.12
CA PRO A 392 -13.15 -20.78 0.39
C PRO A 392 -11.96 -20.13 -0.28
N GLY A 393 -10.86 -20.06 0.46
CA GLY A 393 -9.64 -19.39 0.01
C GLY A 393 -8.49 -20.36 -0.09
N ALA A 394 -7.33 -19.91 0.40
CA ALA A 394 -6.08 -20.65 0.26
C ALA A 394 -5.92 -21.76 1.30
N PHE A 395 -4.98 -22.67 1.03
CA PHE A 395 -4.54 -23.66 2.01
C PHE A 395 -3.25 -23.15 2.68
N VAL A 396 -3.18 -23.34 3.99
CA VAL A 396 -1.99 -23.03 4.77
C VAL A 396 -1.63 -24.28 5.56
N LYS A 397 -0.40 -24.78 5.40
CA LYS A 397 0.05 -25.98 6.08
C LYS A 397 0.34 -25.68 7.57
N GLU A 398 -0.07 -26.60 8.46
CA GLU A 398 0.28 -26.47 9.86
C GLU A 398 1.75 -26.87 10.09
N PRO A 399 2.61 -25.92 10.48
CA PRO A 399 4.00 -26.30 10.70
C PRO A 399 4.21 -26.90 12.10
N ILE A 400 5.15 -27.83 12.23
CA ILE A 400 5.59 -28.29 13.55
C ILE A 400 6.47 -27.18 14.12
N PRO A 401 6.08 -26.60 15.29
CA PRO A 401 6.91 -25.52 15.86
C PRO A 401 8.30 -26.06 16.20
N ASN A 402 9.33 -25.38 15.72
CA ASN A 402 10.70 -25.85 15.90
C ASN A 402 11.67 -24.84 15.35
N ARG A 403 12.95 -25.02 15.66
CA ARG A 403 14.02 -24.40 14.89
C ARG A 403 14.17 -25.19 13.59
N TYR A 404 14.55 -24.49 12.52
CA TYR A 404 14.86 -25.11 11.24
C TYR A 404 16.15 -24.49 10.75
N LYS A 405 17.18 -25.32 10.62
CA LYS A 405 18.55 -24.84 10.42
C LYS A 405 18.78 -24.27 9.01
N TYR A 406 18.67 -25.12 7.99
CA TYR A 406 18.79 -24.71 6.59
C TYR A 406 17.44 -24.79 5.90
N VAL A 407 17.05 -23.70 5.22
CA VAL A 407 15.75 -23.64 4.56
C VAL A 407 15.87 -23.00 3.18
N MET A 408 15.21 -23.63 2.21
CA MET A 408 15.03 -23.04 0.89
C MET A 408 13.55 -22.91 0.61
N SER A 409 13.13 -21.70 0.24
CA SER A 409 11.74 -21.47 -0.09
C SER A 409 11.51 -21.28 -1.58
N PHE A 410 10.30 -21.58 -2.01
CA PHE A 410 9.89 -21.45 -3.41
C PHE A 410 8.44 -20.97 -3.39
N ASP A 411 8.07 -20.09 -4.31
CA ASP A 411 6.66 -19.78 -4.50
C ASP A 411 6.32 -19.42 -5.95
N LEU A 412 5.04 -19.48 -6.27
CA LEU A 412 4.57 -19.18 -7.62
C LEU A 412 4.68 -17.70 -7.97
N THR A 413 5.20 -17.42 -9.15
CA THR A 413 5.12 -16.10 -9.75
C THR A 413 3.65 -15.75 -10.02
N SER A 414 3.20 -14.60 -9.48
CA SER A 414 1.82 -14.12 -9.69
C SER A 414 0.81 -15.26 -9.66
N ALA A 415 0.68 -15.88 -8.51
CA ALA A 415 -0.08 -17.13 -8.37
C ALA A 415 -1.50 -17.07 -8.94
N TYR A 416 -2.34 -16.21 -8.39
CA TYR A 416 -3.75 -16.19 -8.82
C TYR A 416 -3.94 -15.74 -10.28
N PRO A 417 -3.23 -14.67 -10.72
CA PRO A 417 -3.28 -14.32 -12.14
C PRO A 417 -2.75 -15.43 -13.05
N SER A 418 -1.71 -16.15 -12.63
CA SER A 418 -1.20 -17.27 -13.43
C SER A 418 -2.24 -18.40 -13.51
N ILE A 419 -2.97 -18.62 -12.42
CA ILE A 419 -4.03 -19.65 -12.41
C ILE A 419 -5.15 -19.28 -13.38
N ILE A 420 -5.59 -18.02 -13.33
CA ILE A 420 -6.58 -17.49 -14.27
C ILE A 420 -6.16 -17.73 -15.72
N ARG A 421 -4.89 -17.43 -16.01
CA ARG A 421 -4.35 -17.58 -17.35
C ARG A 421 -4.25 -19.05 -17.76
N GLN A 422 -3.70 -19.87 -16.88
CA GLN A 422 -3.50 -21.30 -17.14
C GLN A 422 -4.84 -22.02 -17.41
N VAL A 423 -5.81 -21.78 -16.54
CA VAL A 423 -7.11 -22.49 -16.59
C VAL A 423 -8.05 -21.87 -17.62
N ASN A 424 -7.80 -20.61 -17.96
CA ASN A 424 -8.63 -19.79 -18.85
C ASN A 424 -9.95 -19.37 -18.20
N ILE A 425 -9.84 -18.84 -16.99
CA ILE A 425 -11.00 -18.48 -16.19
C ILE A 425 -11.51 -17.08 -16.56
N SER A 426 -12.76 -17.02 -17.02
CA SER A 426 -13.35 -15.79 -17.53
C SER A 426 -14.87 -15.95 -17.56
N PRO A 427 -15.63 -14.84 -17.44
CA PRO A 427 -17.09 -14.98 -17.51
C PRO A 427 -17.59 -15.72 -18.76
N GLU A 428 -16.95 -15.49 -19.90
CA GLU A 428 -17.44 -16.02 -21.18
C GLU A 428 -16.79 -17.33 -21.65
N THR A 429 -15.93 -17.92 -20.83
CA THR A 429 -15.23 -19.14 -21.20
C THR A 429 -15.72 -20.33 -20.41
N ILE A 430 -16.77 -20.15 -19.60
CA ILE A 430 -17.36 -21.25 -18.84
C ILE A 430 -17.94 -22.25 -19.83
N ALA A 431 -17.51 -23.50 -19.72
CA ALA A 431 -17.94 -24.56 -20.63
C ALA A 431 -18.91 -25.52 -19.96
N GLY A 432 -18.97 -25.50 -18.64
CA GLY A 432 -19.82 -26.43 -17.90
C GLY A 432 -19.15 -26.90 -16.62
N THR A 433 -19.61 -28.04 -16.10
CA THR A 433 -19.11 -28.60 -14.85
C THR A 433 -18.83 -30.09 -14.97
N PHE A 434 -18.01 -30.61 -14.06
CA PHE A 434 -17.79 -32.04 -13.94
C PHE A 434 -18.03 -32.47 -12.49
N LYS A 435 -18.16 -33.77 -12.29
CA LYS A 435 -18.41 -34.32 -10.96
C LYS A 435 -17.13 -34.31 -10.13
N VAL A 436 -17.17 -33.56 -9.03
CA VAL A 436 -15.97 -33.36 -8.21
C VAL A 436 -15.71 -34.49 -7.22
N ALA A 437 -14.46 -34.92 -7.15
CA ALA A 437 -14.00 -35.84 -6.12
C ALA A 437 -13.40 -35.00 -4.99
N PRO A 438 -13.26 -35.57 -3.78
CA PRO A 438 -12.55 -34.85 -2.72
C PRO A 438 -11.21 -34.30 -3.20
N LEU A 439 -10.85 -33.11 -2.73
CA LEU A 439 -9.62 -32.46 -3.17
C LEU A 439 -8.39 -33.37 -3.05
N HIS A 440 -8.31 -34.08 -1.93
CA HIS A 440 -7.28 -35.07 -1.64
C HIS A 440 -7.02 -36.01 -2.84
N ASP A 441 -8.09 -36.46 -3.49
CA ASP A 441 -7.97 -37.36 -4.63
C ASP A 441 -7.27 -36.74 -5.84
N TYR A 442 -7.47 -35.44 -6.06
CA TYR A 442 -6.75 -34.74 -7.13
C TYR A 442 -5.30 -34.54 -6.75
N ILE A 443 -5.06 -34.12 -5.50
CA ILE A 443 -3.70 -33.90 -4.96
C ILE A 443 -2.81 -35.13 -5.15
N ASN A 444 -3.37 -36.31 -4.88
CA ASN A 444 -2.65 -37.57 -5.00
C ASN A 444 -2.85 -38.24 -6.36
N ALA A 445 -3.46 -37.53 -7.30
CA ALA A 445 -3.62 -38.00 -8.68
C ALA A 445 -4.35 -39.35 -8.81
N VAL A 446 -5.34 -39.58 -7.94
CA VAL A 446 -6.14 -40.82 -8.00
C VAL A 446 -7.56 -40.57 -8.52
N ALA A 447 -7.96 -39.30 -8.56
CA ALA A 447 -9.28 -38.98 -9.08
C ALA A 447 -9.29 -39.17 -10.59
N GLU A 448 -10.46 -39.52 -11.13
CA GLU A 448 -10.68 -39.57 -12.58
C GLU A 448 -10.32 -38.22 -13.19
N ARG A 449 -9.67 -38.24 -14.35
CA ARG A 449 -9.38 -37.02 -15.10
C ARG A 449 -10.68 -36.26 -15.38
N PRO A 450 -10.78 -34.99 -14.93
CA PRO A 450 -12.04 -34.23 -15.04
C PRO A 450 -12.61 -34.10 -16.46
N SER A 451 -11.78 -33.81 -17.46
CA SER A 451 -12.25 -33.62 -18.84
C SER A 451 -11.19 -33.97 -19.88
N ASP A 452 -11.64 -34.49 -21.01
CA ASP A 452 -10.79 -34.67 -22.18
C ASP A 452 -11.05 -33.61 -23.25
N VAL A 453 -11.81 -32.58 -22.90
CA VAL A 453 -12.16 -31.55 -23.86
C VAL A 453 -11.83 -30.17 -23.33
N TYR A 454 -12.13 -29.94 -22.06
CA TYR A 454 -12.06 -28.61 -21.48
C TYR A 454 -10.99 -28.48 -20.41
N SER A 455 -10.64 -27.24 -20.09
CA SER A 455 -9.63 -26.93 -19.08
C SER A 455 -10.30 -26.81 -17.72
N CYS A 456 -9.75 -27.48 -16.72
CA CYS A 456 -10.47 -27.70 -15.47
C CYS A 456 -9.83 -27.18 -14.19
N SER A 457 -10.69 -26.80 -13.26
CA SER A 457 -10.30 -26.53 -11.89
C SER A 457 -10.99 -27.56 -10.99
N PRO A 458 -10.28 -28.04 -9.94
CA PRO A 458 -10.82 -29.05 -9.02
C PRO A 458 -12.08 -28.63 -8.22
N ASN A 459 -12.58 -27.41 -8.40
CA ASN A 459 -13.88 -27.03 -7.83
C ASN A 459 -15.05 -27.54 -8.68
N GLY A 460 -14.73 -28.17 -9.81
CA GLY A 460 -15.76 -28.70 -10.73
C GLY A 460 -16.02 -27.88 -11.98
N MET A 461 -15.31 -26.77 -12.15
CA MET A 461 -15.56 -25.91 -13.31
C MET A 461 -14.73 -26.31 -14.53
N MET A 462 -15.34 -26.20 -15.71
CA MET A 462 -14.68 -26.42 -17.00
C MET A 462 -14.72 -25.17 -17.86
N TYR A 463 -13.64 -24.94 -18.61
CA TYR A 463 -13.49 -23.75 -19.46
C TYR A 463 -13.07 -24.10 -20.89
N TYR A 464 -13.48 -23.27 -21.85
CA TYR A 464 -13.09 -23.44 -23.26
C TYR A 464 -11.60 -23.36 -23.43
N LYS A 465 -11.08 -24.12 -24.40
CA LYS A 465 -9.65 -24.09 -24.71
C LYS A 465 -9.35 -23.50 -26.08
N ASP A 466 -10.38 -23.13 -26.83
CA ASP A 466 -10.17 -22.70 -28.22
C ASP A 466 -9.67 -21.26 -28.33
N ARG A 467 -9.98 -20.44 -27.32
CA ARG A 467 -9.68 -19.01 -27.35
C ARG A 467 -9.54 -18.48 -25.93
N ASP A 468 -8.66 -17.49 -25.76
CA ASP A 468 -8.49 -16.80 -24.48
C ASP A 468 -9.73 -16.00 -24.09
N GLY A 469 -10.11 -16.08 -22.83
CA GLY A 469 -11.13 -15.20 -22.28
C GLY A 469 -10.59 -13.78 -22.13
N VAL A 470 -11.49 -12.80 -22.05
CA VAL A 470 -11.10 -11.40 -21.87
C VAL A 470 -10.36 -11.19 -20.53
N VAL A 471 -10.74 -11.95 -19.50
CA VAL A 471 -10.06 -11.81 -18.21
C VAL A 471 -8.58 -12.28 -18.33
N PRO A 472 -8.34 -13.51 -18.83
CA PRO A 472 -6.95 -13.90 -19.08
C PRO A 472 -6.20 -12.94 -19.99
N THR A 473 -6.84 -12.49 -21.08
CA THR A 473 -6.20 -11.55 -22.01
C THR A 473 -5.73 -10.26 -21.33
N GLU A 474 -6.64 -9.63 -20.56
CA GLU A 474 -6.33 -8.34 -19.95
C GLU A 474 -5.43 -8.45 -18.71
N ILE A 475 -5.57 -9.51 -17.95
CA ILE A 475 -4.70 -9.75 -16.80
C ILE A 475 -3.26 -10.01 -17.25
N THR A 476 -3.08 -10.62 -18.43
CA THR A 476 -1.73 -10.89 -18.98
C THR A 476 -0.98 -9.60 -19.31
N LYS A 477 -1.71 -8.64 -19.85
CA LYS A 477 -1.12 -7.35 -20.25
C LYS A 477 -0.54 -6.61 -19.05
N VAL A 478 -1.31 -6.54 -17.98
CA VAL A 478 -0.84 -5.88 -16.74
C VAL A 478 0.22 -6.72 -16.02
N PHE A 479 0.09 -8.03 -16.06
CA PHE A 479 1.17 -8.90 -15.56
C PHE A 479 2.49 -8.63 -16.27
N ASN A 480 2.47 -8.51 -17.60
CA ASN A 480 3.71 -8.22 -18.34
C ASN A 480 4.34 -6.88 -17.95
N GLN A 481 3.52 -5.86 -17.75
CA GLN A 481 3.99 -4.59 -17.18
C GLN A 481 4.65 -4.77 -15.81
N ARG A 482 3.95 -5.48 -14.92
CA ARG A 482 4.46 -5.81 -13.59
C ARG A 482 5.85 -6.46 -13.67
N LYS A 483 5.98 -7.45 -14.55
CA LYS A 483 7.21 -8.22 -14.72
C LYS A 483 8.38 -7.31 -15.11
N GLU A 484 8.15 -6.42 -16.06
CA GLU A 484 9.15 -5.44 -16.51
C GLU A 484 9.67 -4.57 -15.35
N HIS A 485 8.75 -4.00 -14.58
CA HIS A 485 9.13 -3.14 -13.47
C HIS A 485 9.83 -3.87 -12.33
N LYS A 486 9.37 -5.08 -12.05
CA LYS A 486 10.03 -5.92 -11.04
C LYS A 486 11.47 -6.21 -11.44
N GLY A 487 11.68 -6.44 -12.75
CA GLY A 487 13.02 -6.58 -13.31
C GLY A 487 13.93 -5.41 -12.97
N TYR A 488 13.43 -4.19 -13.17
CA TYR A 488 14.19 -2.98 -12.82
C TYR A 488 14.43 -2.89 -11.32
N MET A 489 13.43 -3.24 -10.52
CA MET A 489 13.54 -3.15 -9.07
C MET A 489 14.62 -4.08 -8.54
N LEU A 490 14.63 -5.32 -9.02
CA LEU A 490 15.63 -6.31 -8.58
C LEU A 490 17.03 -5.98 -9.06
N ALA A 491 17.14 -5.45 -10.27
CA ALA A 491 18.45 -4.98 -10.75
C ALA A 491 19.00 -3.88 -9.86
N ALA A 492 18.14 -2.94 -9.46
CA ALA A 492 18.56 -1.82 -8.58
C ALA A 492 18.97 -2.33 -7.19
N GLN A 493 18.27 -3.35 -6.73
CA GLN A 493 18.59 -4.03 -5.49
C GLN A 493 19.95 -4.72 -5.56
N ARG A 494 20.20 -5.48 -6.63
CA ARG A 494 21.49 -6.15 -6.80
C ARG A 494 22.62 -5.13 -6.93
N ASN A 495 22.34 -4.04 -7.65
CA ASN A 495 23.31 -2.96 -7.80
C ASN A 495 23.66 -2.34 -6.45
N GLY A 496 22.63 -2.15 -5.61
CA GLY A 496 22.81 -1.66 -4.24
C GLY A 496 23.77 -2.52 -3.43
N GLU A 497 23.64 -3.85 -3.55
CA GLU A 497 24.53 -4.77 -2.83
C GLU A 497 26.00 -4.67 -3.30
N ILE A 498 26.20 -4.42 -4.59
CA ILE A 498 27.54 -4.21 -5.12
C ILE A 498 28.20 -3.00 -4.42
N ILE A 499 27.44 -1.91 -4.32
CA ILE A 499 27.90 -0.69 -3.65
C ILE A 499 28.21 -0.90 -2.16
N LYS A 500 27.33 -1.61 -1.46
CA LYS A 500 27.54 -1.97 -0.05
C LYS A 500 28.84 -2.74 0.15
N GLU A 501 29.13 -3.69 -0.74
CA GLU A 501 30.38 -4.46 -0.70
C GLU A 501 31.58 -3.53 -0.86
N ALA A 502 31.53 -2.67 -1.89
CA ALA A 502 32.58 -1.70 -2.18
C ALA A 502 32.84 -0.76 -1.00
N LEU A 503 31.77 -0.39 -0.29
CA LEU A 503 31.88 0.46 0.89
C LEU A 503 32.72 -0.12 2.04
N HIS A 504 33.07 -1.41 1.98
CA HIS A 504 33.99 -1.99 2.98
C HIS A 504 35.41 -1.45 2.77
N ASN A 505 35.71 -1.04 1.55
CA ASN A 505 37.03 -0.51 1.18
C ASN A 505 36.98 0.79 0.39
N PRO A 506 36.48 1.89 1.01
CA PRO A 506 36.42 3.17 0.30
C PRO A 506 37.81 3.74 0.05
N ASN A 507 37.97 4.47 -1.06
CA ASN A 507 39.26 5.06 -1.41
C ASN A 507 39.42 6.47 -0.89
N LEU A 508 40.64 6.82 -0.50
CA LEU A 508 40.94 8.15 0.00
C LEU A 508 41.20 9.09 -1.18
N SER A 509 40.11 9.46 -1.85
CA SER A 509 40.17 10.37 -2.99
C SER A 509 38.97 11.30 -3.00
N VAL A 510 39.00 12.30 -3.87
CA VAL A 510 37.86 13.17 -4.09
C VAL A 510 37.41 12.97 -5.53
N ASP A 511 36.16 12.55 -5.68
CA ASP A 511 35.61 12.15 -6.97
C ASP A 511 34.10 12.32 -7.01
N GLU A 512 33.49 11.83 -8.08
CA GLU A 512 32.05 11.98 -8.29
C GLU A 512 31.36 10.61 -8.40
N PRO A 513 30.08 10.53 -8.00
CA PRO A 513 29.31 9.31 -8.28
C PRO A 513 29.20 9.12 -9.80
N LEU A 514 29.21 7.86 -10.24
CA LEU A 514 29.11 7.52 -11.66
C LEU A 514 27.71 7.79 -12.21
N ASP A 515 27.64 8.28 -13.46
CA ASP A 515 26.36 8.49 -14.12
C ASP A 515 25.89 7.18 -14.73
N VAL A 516 25.03 6.46 -14.01
CA VAL A 516 24.59 5.13 -14.46
C VAL A 516 23.07 4.96 -14.35
N ASP A 517 22.55 3.98 -15.09
CA ASP A 517 21.13 3.60 -14.99
C ASP A 517 21.02 2.40 -14.04
N TYR A 518 20.55 2.66 -12.82
CA TYR A 518 20.50 1.65 -11.76
C TYR A 518 19.47 0.54 -12.02
N ARG A 519 18.61 0.73 -13.03
CA ARG A 519 17.61 -0.28 -13.41
C ARG A 519 18.21 -1.48 -14.15
N PHE A 520 19.49 -1.39 -14.48
CA PHE A 520 20.19 -2.46 -15.20
C PHE A 520 21.46 -2.87 -14.43
N ASP A 521 21.70 -4.18 -14.38
CA ASP A 521 22.87 -4.73 -13.68
C ASP A 521 24.17 -4.07 -14.14
N PHE A 522 24.98 -3.63 -13.18
CA PHE A 522 26.23 -2.94 -13.47
C PHE A 522 27.13 -3.80 -14.35
N SER A 523 27.70 -3.18 -15.38
CA SER A 523 28.67 -3.84 -16.25
C SER A 523 29.96 -4.05 -15.47
N ASP A 524 30.87 -4.83 -16.04
CA ASP A 524 32.19 -5.03 -15.44
C ASP A 524 32.98 -3.72 -15.31
N GLU A 525 32.87 -2.86 -16.32
CA GLU A 525 33.56 -1.55 -16.30
C GLU A 525 33.07 -0.68 -15.14
N ILE A 526 31.76 -0.69 -14.91
CA ILE A 526 31.16 0.05 -13.82
C ILE A 526 31.62 -0.50 -12.47
N LYS A 527 31.59 -1.83 -12.33
CA LYS A 527 32.09 -2.50 -11.12
C LYS A 527 33.54 -2.10 -10.81
N GLU A 528 34.39 -2.06 -11.83
CA GLU A 528 35.79 -1.69 -11.60
C GLU A 528 35.96 -0.25 -11.12
N LYS A 529 35.20 0.67 -11.72
CA LYS A 529 35.22 2.08 -11.32
C LYS A 529 34.73 2.28 -9.87
N ILE A 530 33.68 1.55 -9.52
CA ILE A 530 33.10 1.56 -8.17
C ILE A 530 34.12 1.18 -7.10
N LYS A 531 34.98 0.21 -7.39
CA LYS A 531 36.00 -0.26 -6.44
C LYS A 531 37.10 0.77 -6.19
N LYS A 532 37.10 1.86 -6.96
CA LYS A 532 38.07 2.93 -6.80
C LYS A 532 37.46 4.20 -6.20
N LEU A 533 36.15 4.18 -5.99
CA LEU A 533 35.43 5.37 -5.52
C LEU A 533 35.60 5.67 -4.02
N SER A 534 35.48 6.95 -3.68
CA SER A 534 35.41 7.41 -2.28
C SER A 534 34.12 6.99 -1.60
N ALA A 535 34.14 6.97 -0.28
CA ALA A 535 32.95 6.71 0.54
C ALA A 535 31.82 7.70 0.26
N LYS A 536 32.15 8.97 0.08
CA LYS A 536 31.13 9.98 -0.25
C LYS A 536 30.40 9.65 -1.55
N SER A 537 31.16 9.35 -2.60
CA SER A 537 30.57 9.01 -3.90
C SER A 537 29.77 7.69 -3.83
N LEU A 538 30.34 6.68 -3.15
CA LEU A 538 29.66 5.39 -2.98
C LEU A 538 28.33 5.54 -2.26
N ASN A 539 28.34 6.35 -1.19
CA ASN A 539 27.11 6.61 -0.44
C ASN A 539 26.05 7.33 -1.28
N GLU A 540 26.47 8.29 -2.08
CA GLU A 540 25.54 8.95 -3.00
C GLU A 540 24.98 7.96 -4.03
N MET A 541 25.84 7.10 -4.57
CA MET A 541 25.40 6.06 -5.50
C MET A 541 24.42 5.07 -4.85
N LEU A 542 24.68 4.71 -3.58
CA LEU A 542 23.80 3.81 -2.85
C LEU A 542 22.45 4.46 -2.67
N PHE A 543 22.44 5.75 -2.32
CA PHE A 543 21.20 6.50 -2.19
C PHE A 543 20.42 6.46 -3.50
N ARG A 544 21.10 6.71 -4.61
CA ARG A 544 20.45 6.70 -5.92
C ARG A 544 19.96 5.31 -6.34
N ALA A 545 20.75 4.27 -6.06
CA ALA A 545 20.33 2.89 -6.31
C ALA A 545 19.03 2.56 -5.56
N GLN A 546 18.98 2.95 -4.29
CA GLN A 546 17.85 2.68 -3.41
C GLN A 546 16.60 3.46 -3.82
N ARG A 547 16.80 4.69 -4.28
CA ARG A 547 15.71 5.46 -4.89
C ARG A 547 15.15 4.78 -6.15
N THR A 548 16.05 4.27 -6.99
CA THR A 548 15.64 3.51 -8.19
C THR A 548 14.86 2.24 -7.80
N GLU A 549 15.36 1.53 -6.79
CA GLU A 549 14.65 0.35 -6.27
C GLU A 549 13.24 0.68 -5.75
N VAL A 550 13.11 1.76 -4.99
CA VAL A 550 11.81 2.25 -4.52
C VAL A 550 10.85 2.53 -5.70
N ALA A 551 11.36 3.23 -6.71
CA ALA A 551 10.56 3.56 -7.90
C ALA A 551 10.06 2.29 -8.57
N GLY A 552 10.96 1.31 -8.75
CA GLY A 552 10.59 -0.01 -9.29
C GLY A 552 9.59 -0.76 -8.42
N MET A 553 9.80 -0.71 -7.11
CA MET A 553 8.88 -1.29 -6.13
C MET A 553 7.46 -0.73 -6.29
N THR A 554 7.32 0.59 -6.26
CA THR A 554 6.02 1.23 -6.46
C THR A 554 5.34 0.73 -7.74
N ALA A 555 6.08 0.78 -8.84
CA ALA A 555 5.53 0.38 -10.14
C ALA A 555 5.10 -1.09 -10.19
N GLN A 556 5.93 -1.97 -9.65
CA GLN A 556 5.67 -3.41 -9.71
C GLN A 556 4.63 -3.90 -8.70
N ILE A 557 4.75 -3.47 -7.44
CA ILE A 557 3.89 -4.03 -6.38
C ILE A 557 2.42 -3.59 -6.57
N ASN A 558 2.21 -2.42 -7.15
CA ASN A 558 0.85 -1.94 -7.33
C ASN A 558 0.19 -2.50 -8.57
N ARG A 559 1.02 -2.87 -9.55
CA ARG A 559 0.55 -3.64 -10.69
C ARG A 559 0.20 -5.08 -10.28
N LYS A 560 1.06 -5.68 -9.44
CA LYS A 560 0.72 -6.95 -8.77
C LYS A 560 -0.61 -6.84 -8.01
N ALA A 561 -0.79 -5.74 -7.27
CA ALA A 561 -2.00 -5.55 -6.47
C ALA A 561 -3.23 -5.44 -7.36
N LEU A 562 -3.09 -4.76 -8.50
CA LEU A 562 -4.19 -4.63 -9.46
C LEU A 562 -4.62 -5.98 -10.05
N ILE A 563 -3.66 -6.80 -10.47
CA ILE A 563 -3.99 -8.10 -11.05
C ILE A 563 -4.53 -9.08 -10.00
N ASN A 564 -3.98 -9.02 -8.79
CA ASN A 564 -4.52 -9.83 -7.68
C ASN A 564 -5.94 -9.37 -7.29
N GLY A 565 -6.18 -8.06 -7.42
CA GLY A 565 -7.51 -7.46 -7.20
C GLY A 565 -8.58 -7.92 -8.19
N LEU A 566 -8.17 -8.20 -9.43
CA LEU A 566 -9.09 -8.80 -10.41
C LEU A 566 -9.59 -10.18 -9.95
N ALA A 567 -8.67 -11.03 -9.51
CA ALA A 567 -9.01 -12.33 -8.92
C ALA A 567 -9.95 -12.17 -7.73
N GLY A 568 -9.66 -11.20 -6.88
CA GLY A 568 -10.53 -10.86 -5.73
C GLY A 568 -11.89 -10.28 -6.14
N ALA A 569 -11.90 -9.38 -7.14
CA ALA A 569 -13.14 -8.74 -7.62
C ALA A 569 -14.18 -9.76 -8.10
N LEU A 570 -13.70 -10.89 -8.60
CA LEU A 570 -14.60 -11.97 -9.04
C LEU A 570 -15.48 -12.46 -7.89
N GLY A 571 -15.04 -12.19 -6.66
CA GLY A 571 -15.80 -12.53 -5.47
C GLY A 571 -16.42 -11.34 -4.75
N ASN A 572 -16.48 -10.18 -5.41
CA ASN A 572 -17.18 -9.01 -4.86
C ASN A 572 -18.47 -8.72 -5.62
N VAL A 573 -19.59 -8.63 -4.90
CA VAL A 573 -20.91 -8.55 -5.54
C VAL A 573 -21.14 -7.28 -6.38
N TRP A 574 -20.29 -6.27 -6.21
CA TRP A 574 -20.42 -5.04 -7.01
C TRP A 574 -19.71 -5.11 -8.36
N PHE A 575 -18.88 -6.13 -8.56
CA PHE A 575 -18.16 -6.29 -9.83
C PHE A 575 -19.11 -6.78 -10.91
N ARG A 576 -19.05 -6.16 -12.08
CA ARG A 576 -19.87 -6.55 -13.23
C ARG A 576 -19.73 -8.04 -13.53
N TYR A 577 -18.54 -8.60 -13.31
CA TYR A 577 -18.29 -10.01 -13.64
C TYR A 577 -18.20 -10.91 -12.39
N TYR A 578 -18.83 -10.49 -11.31
CA TYR A 578 -18.94 -11.31 -10.10
C TYR A 578 -19.44 -12.70 -10.46
N ASP A 579 -18.74 -13.73 -9.99
CA ASP A 579 -19.18 -15.10 -10.17
C ASP A 579 -18.43 -15.96 -9.19
N LEU A 580 -19.14 -16.49 -8.20
CA LEU A 580 -18.49 -17.34 -7.20
C LEU A 580 -17.90 -18.64 -7.77
N ARG A 581 -18.42 -19.10 -8.91
CA ARG A 581 -17.85 -20.26 -9.60
C ARG A 581 -16.42 -19.96 -10.06
N ASN A 582 -16.22 -18.76 -10.59
CA ASN A 582 -14.89 -18.36 -11.05
C ASN A 582 -13.95 -18.01 -9.89
N ALA A 583 -14.45 -17.29 -8.90
CA ALA A 583 -13.65 -16.94 -7.71
C ALA A 583 -13.15 -18.20 -7.04
N THR A 584 -14.04 -19.17 -6.86
CA THR A 584 -13.71 -20.44 -6.22
C THR A 584 -12.87 -21.36 -7.12
N ALA A 585 -13.03 -21.25 -8.43
CA ALA A 585 -12.18 -22.02 -9.35
C ALA A 585 -10.73 -21.68 -9.12
N ILE A 586 -10.47 -20.39 -8.90
CA ILE A 586 -9.12 -19.90 -8.68
C ILE A 586 -8.56 -20.43 -7.35
N THR A 587 -9.29 -20.20 -6.26
CA THR A 587 -8.82 -20.56 -4.92
C THR A 587 -8.64 -22.05 -4.73
N THR A 588 -9.55 -22.85 -5.30
CA THR A 588 -9.52 -24.29 -5.14
C THR A 588 -8.35 -24.89 -5.94
N PHE A 589 -8.13 -24.37 -7.15
CA PHE A 589 -6.97 -24.77 -7.97
C PHE A 589 -5.69 -24.48 -7.20
N GLY A 590 -5.64 -23.31 -6.57
CA GLY A 590 -4.47 -22.92 -5.76
C GLY A 590 -4.21 -23.89 -4.63
N GLN A 591 -5.28 -24.35 -3.96
CA GLN A 591 -5.13 -25.33 -2.86
C GLN A 591 -4.53 -26.62 -3.37
N MET A 592 -5.01 -27.06 -4.52
CA MET A 592 -4.50 -28.26 -5.18
C MET A 592 -3.03 -28.10 -5.57
N ALA A 593 -2.72 -26.99 -6.23
CA ALA A 593 -1.37 -26.75 -6.75
C ALA A 593 -0.33 -26.84 -5.63
N LEU A 594 -0.61 -26.19 -4.50
CA LEU A 594 0.30 -26.20 -3.36
C LEU A 594 0.54 -27.64 -2.84
N GLN A 595 -0.56 -28.34 -2.58
CA GLN A 595 -0.47 -29.67 -1.99
C GLN A 595 0.05 -30.72 -2.98
N TRP A 596 -0.30 -30.56 -4.26
CA TRP A 596 0.28 -31.37 -5.34
C TRP A 596 1.81 -31.23 -5.33
N ILE A 597 2.29 -29.98 -5.32
CA ILE A 597 3.73 -29.77 -5.44
C ILE A 597 4.47 -30.12 -4.17
N GLU A 598 3.81 -29.99 -3.02
CA GLU A 598 4.39 -30.46 -1.76
C GLU A 598 4.69 -31.96 -1.89
N ARG A 599 3.71 -32.71 -2.36
CA ARG A 599 3.86 -34.14 -2.59
C ARG A 599 5.02 -34.43 -3.55
N LYS A 600 5.08 -33.70 -4.66
CA LYS A 600 6.11 -33.91 -5.67
C LYS A 600 7.52 -33.61 -5.17
N VAL A 601 7.66 -32.53 -4.40
CA VAL A 601 8.95 -32.14 -3.84
C VAL A 601 9.42 -33.18 -2.81
N ASN A 602 8.53 -33.62 -1.94
CA ASN A 602 8.83 -34.70 -0.99
C ASN A 602 9.28 -35.97 -1.68
N GLU A 603 8.54 -36.38 -2.71
CA GLU A 603 8.89 -37.57 -3.49
C GLU A 603 10.27 -37.43 -4.10
N TYR A 604 10.54 -36.27 -4.70
CA TYR A 604 11.82 -36.01 -5.35
C TYR A 604 13.00 -36.08 -4.36
N LEU A 605 12.85 -35.41 -3.22
CA LEU A 605 13.95 -35.32 -2.26
C LEU A 605 14.19 -36.63 -1.50
N ASN A 606 13.13 -37.38 -1.23
CA ASN A 606 13.27 -38.73 -0.69
C ASN A 606 14.04 -39.63 -1.63
N GLU A 607 13.83 -39.43 -2.93
CA GLU A 607 14.51 -40.20 -3.97
C GLU A 607 16.00 -39.86 -4.02
N VAL A 608 16.34 -38.58 -4.10
CA VAL A 608 17.75 -38.18 -4.18
C VAL A 608 18.52 -38.40 -2.86
N CYS A 609 17.80 -38.59 -1.76
CA CYS A 609 18.41 -38.87 -0.46
C CYS A 609 18.37 -40.34 -0.07
N GLY A 610 17.61 -41.13 -0.83
CA GLY A 610 17.44 -42.56 -0.54
C GLY A 610 16.72 -42.80 0.78
N THR A 611 15.75 -41.95 1.07
CA THR A 611 14.89 -42.13 2.24
C THR A 611 13.47 -42.49 1.83
N GLU A 612 12.58 -42.61 2.81
CA GLU A 612 11.18 -42.96 2.54
C GLU A 612 10.27 -42.32 3.59
N GLY A 613 9.22 -41.65 3.11
CA GLY A 613 8.24 -41.03 3.99
C GLY A 613 8.71 -39.78 4.74
N GLU A 614 9.93 -39.33 4.46
CA GLU A 614 10.49 -38.12 5.08
C GLU A 614 9.88 -36.82 4.54
N ALA A 615 9.47 -35.94 5.45
CA ALA A 615 8.84 -34.68 5.08
C ALA A 615 9.85 -33.56 4.92
N PHE A 616 10.23 -33.26 3.68
CA PHE A 616 11.16 -32.17 3.39
C PHE A 616 10.47 -30.81 3.39
N VAL A 617 9.22 -30.78 2.93
CA VAL A 617 8.43 -29.55 2.97
C VAL A 617 7.88 -29.39 4.39
N LEU A 618 8.33 -28.35 5.09
CA LEU A 618 7.98 -28.15 6.49
C LEU A 618 6.81 -27.20 6.65
N TYR A 619 6.49 -26.47 5.58
CA TYR A 619 5.48 -25.41 5.64
C TYR A 619 5.14 -24.91 4.25
N GLY A 620 3.97 -24.29 4.13
CA GLY A 620 3.51 -23.65 2.92
C GLY A 620 2.33 -22.77 3.21
N ASP A 621 2.18 -21.70 2.42
CA ASP A 621 1.07 -20.77 2.59
C ASP A 621 0.65 -20.30 1.22
N THR A 622 -0.52 -20.78 0.79
CA THR A 622 -1.18 -20.32 -0.43
C THR A 622 -0.52 -20.84 -1.73
N ASP A 623 0.73 -20.45 -1.94
CA ASP A 623 1.43 -20.78 -3.17
C ASP A 623 2.92 -20.98 -2.94
N SER A 624 3.30 -21.19 -1.68
CA SER A 624 4.71 -21.28 -1.32
C SER A 624 5.01 -22.60 -0.61
N ILE A 625 6.25 -23.07 -0.74
CA ILE A 625 6.73 -24.19 0.07
C ILE A 625 8.08 -23.82 0.71
N TYR A 626 8.27 -24.29 1.94
CA TYR A 626 9.53 -24.16 2.66
C TYR A 626 10.15 -25.54 2.86
N VAL A 627 11.35 -25.72 2.30
CA VAL A 627 12.01 -27.02 2.23
C VAL A 627 13.20 -27.03 3.17
N SER A 628 13.25 -28.05 4.01
CA SER A 628 14.39 -28.26 4.91
C SER A 628 15.56 -28.77 4.07
N ALA A 629 16.68 -28.06 4.14
CA ALA A 629 17.89 -28.40 3.37
C ALA A 629 19.00 -29.07 4.19
N ASP A 630 18.73 -29.36 5.47
CA ASP A 630 19.73 -29.96 6.36
C ASP A 630 20.40 -31.19 5.76
N LYS A 631 19.59 -32.10 5.21
CA LYS A 631 20.11 -33.35 4.67
C LYS A 631 20.95 -33.15 3.41
N ILE A 632 20.65 -32.08 2.66
CA ILE A 632 21.39 -31.72 1.46
C ILE A 632 22.78 -31.21 1.84
N ILE A 633 22.82 -30.30 2.82
CA ILE A 633 24.07 -29.80 3.39
C ILE A 633 24.89 -30.94 4.01
N ASP A 634 24.23 -31.80 4.79
CA ASP A 634 24.91 -32.89 5.49
C ASP A 634 25.46 -33.96 4.55
N LYS A 635 24.84 -34.13 3.38
CA LYS A 635 25.33 -35.09 2.41
C LYS A 635 26.70 -34.70 1.86
N VAL A 636 26.96 -33.40 1.75
CA VAL A 636 28.29 -32.94 1.39
C VAL A 636 29.17 -32.82 2.64
N GLY A 637 28.56 -32.40 3.75
CA GLY A 637 29.26 -32.24 5.03
C GLY A 637 29.73 -30.81 5.24
N GLU A 638 29.37 -30.22 6.38
CA GLU A 638 29.68 -28.81 6.67
C GLU A 638 31.16 -28.48 6.54
N SER A 639 32.02 -29.45 6.85
CA SER A 639 33.47 -29.29 6.84
C SER A 639 34.05 -29.01 5.46
N LYS A 640 33.30 -29.33 4.43
CA LYS A 640 33.77 -29.17 3.05
C LYS A 640 33.61 -27.74 2.53
N PHE A 641 32.88 -26.91 3.28
CA PHE A 641 32.62 -25.54 2.86
C PHE A 641 33.65 -24.53 3.38
N ARG A 642 34.10 -23.66 2.49
CA ARG A 642 35.12 -22.65 2.79
C ARG A 642 34.59 -21.54 3.69
N ASP A 643 33.34 -21.13 3.45
CA ASP A 643 32.70 -20.03 4.18
C ASP A 643 31.19 -20.09 3.93
N THR A 644 30.45 -19.15 4.52
CA THR A 644 28.98 -19.12 4.39
C THR A 644 28.56 -19.01 2.92
N ASN A 645 29.21 -18.10 2.19
CA ASN A 645 28.87 -17.89 0.78
C ASN A 645 29.02 -19.16 -0.05
N HIS A 646 29.95 -20.03 0.33
CA HIS A 646 30.17 -21.31 -0.37
C HIS A 646 28.94 -22.23 -0.32
N TRP A 647 28.39 -22.47 0.87
CA TRP A 647 27.16 -23.32 0.93
C TRP A 647 25.92 -22.63 0.35
N VAL A 648 25.91 -21.30 0.39
CA VAL A 648 24.81 -20.53 -0.22
C VAL A 648 24.83 -20.75 -1.74
N ASP A 649 26.00 -20.63 -2.35
CA ASP A 649 26.19 -20.99 -3.77
C ASP A 649 25.71 -22.40 -4.10
N PHE A 650 26.08 -23.34 -3.23
CA PHE A 650 25.79 -24.75 -3.43
C PHE A 650 24.28 -24.99 -3.43
N LEU A 651 23.59 -24.40 -2.46
CA LEU A 651 22.13 -24.53 -2.37
C LEU A 651 21.43 -23.77 -3.49
N ASP A 652 21.99 -22.60 -3.84
CA ASP A 652 21.50 -21.81 -4.98
C ASP A 652 21.55 -22.65 -6.25
N LYS A 653 22.69 -23.28 -6.49
CA LYS A 653 22.87 -24.16 -7.64
C LYS A 653 21.94 -25.38 -7.59
N PHE A 654 21.80 -25.99 -6.40
CA PHE A 654 20.93 -27.14 -6.21
C PHE A 654 19.46 -26.82 -6.50
N ALA A 655 19.03 -25.64 -6.04
CA ALA A 655 17.66 -25.19 -6.26
C ALA A 655 17.41 -24.94 -7.74
N ARG A 656 18.35 -24.26 -8.39
CA ARG A 656 18.19 -23.87 -9.79
C ARG A 656 18.34 -25.08 -10.73
N GLU A 657 19.26 -25.97 -10.44
CA GLU A 657 19.60 -27.05 -11.37
C GLU A 657 18.92 -28.38 -11.08
N ARG A 658 18.45 -28.58 -9.86
CA ARG A 658 17.84 -29.86 -9.51
C ARG A 658 16.37 -29.71 -9.15
N MET A 659 16.10 -28.87 -8.16
CA MET A 659 14.75 -28.70 -7.63
C MET A 659 13.75 -28.08 -8.59
N GLU A 660 14.11 -26.94 -9.17
CA GLU A 660 13.23 -26.23 -10.10
C GLU A 660 12.83 -27.07 -11.33
N PRO A 661 13.79 -27.80 -11.94
CA PRO A 661 13.38 -28.71 -13.03
C PRO A 661 12.40 -29.81 -12.55
N ALA A 662 12.64 -30.35 -11.36
CA ALA A 662 11.72 -31.32 -10.76
C ALA A 662 10.36 -30.70 -10.47
N ILE A 663 10.37 -29.46 -9.98
CA ILE A 663 9.14 -28.73 -9.70
C ILE A 663 8.37 -28.50 -11.01
N ASP A 664 9.09 -28.08 -12.06
CA ASP A 664 8.48 -27.81 -13.34
C ASP A 664 7.84 -29.07 -13.94
N ARG A 665 8.53 -30.22 -13.84
CA ARG A 665 7.98 -31.50 -14.32
C ARG A 665 6.70 -31.86 -13.58
N GLY A 666 6.70 -31.67 -12.26
CA GLY A 666 5.52 -31.89 -11.42
C GLY A 666 4.33 -31.06 -11.87
N PHE A 667 4.57 -29.78 -12.13
CA PHE A 667 3.49 -28.90 -12.56
C PHE A 667 2.97 -29.17 -13.98
N ARG A 668 3.86 -29.56 -14.91
CA ARG A 668 3.40 -29.92 -16.28
C ARG A 668 2.45 -31.09 -16.21
N GLU A 669 2.74 -32.04 -15.32
CA GLU A 669 1.87 -33.20 -15.17
C GLU A 669 0.50 -32.79 -14.63
N MET A 670 0.51 -31.87 -13.67
CA MET A 670 -0.74 -31.35 -13.11
C MET A 670 -1.56 -30.60 -14.18
N CYS A 671 -0.87 -29.79 -14.98
CA CYS A 671 -1.49 -29.07 -16.11
C CYS A 671 -2.22 -30.05 -17.05
N GLU A 672 -1.55 -31.15 -17.39
CA GLU A 672 -2.13 -32.20 -18.26
C GLU A 672 -3.31 -32.91 -17.62
N TYR A 673 -3.16 -33.19 -16.32
CA TYR A 673 -4.21 -33.82 -15.50
C TYR A 673 -5.49 -32.99 -15.51
N MET A 674 -5.35 -31.67 -15.32
CA MET A 674 -6.47 -30.73 -15.38
C MET A 674 -6.82 -30.28 -16.81
N ASN A 675 -6.09 -30.79 -17.79
CA ASN A 675 -6.26 -30.43 -19.21
C ASN A 675 -6.25 -28.90 -19.44
N ASN A 676 -5.35 -28.21 -18.75
CA ASN A 676 -5.34 -26.74 -18.81
C ASN A 676 -4.86 -26.21 -20.14
N LYS A 677 -5.18 -24.96 -20.41
CA LYS A 677 -4.87 -24.33 -21.68
C LYS A 677 -3.37 -24.14 -21.86
N GLN A 678 -2.71 -23.66 -20.81
CA GLN A 678 -1.27 -23.36 -20.87
C GLN A 678 -0.60 -23.52 -19.51
N HIS A 679 0.55 -24.19 -19.48
CA HIS A 679 1.30 -24.39 -18.24
C HIS A 679 1.93 -23.07 -17.82
N LEU A 680 1.47 -22.53 -16.71
CA LEU A 680 1.97 -21.26 -16.24
C LEU A 680 2.33 -21.25 -14.75
N MET A 681 2.43 -22.44 -14.16
CA MET A 681 2.81 -22.57 -12.76
C MET A 681 4.34 -22.55 -12.67
N PHE A 682 4.88 -21.38 -12.32
CA PHE A 682 6.33 -21.17 -12.28
C PHE A 682 6.75 -20.87 -10.86
N MET A 683 7.27 -21.89 -10.18
CA MET A 683 7.56 -21.80 -8.77
C MET A 683 9.06 -21.66 -8.59
N ASP A 684 9.53 -20.41 -8.54
CA ASP A 684 10.96 -20.11 -8.44
C ASP A 684 11.42 -20.00 -6.99
N ARG A 685 12.69 -20.33 -6.78
CA ARG A 685 13.31 -20.20 -5.46
C ARG A 685 13.21 -18.75 -4.96
N GLU A 686 12.77 -18.58 -3.72
CA GLU A 686 12.70 -17.28 -3.06
C GLU A 686 13.96 -17.10 -2.20
N ALA A 687 13.99 -17.77 -1.04
CA ALA A 687 15.04 -17.54 -0.05
C ALA A 687 15.97 -18.74 0.16
N ILE A 688 17.24 -18.45 0.43
CA ILE A 688 18.19 -19.43 0.93
C ILE A 688 18.56 -18.95 2.34
N ALA A 689 18.30 -19.79 3.34
CA ALA A 689 18.41 -19.39 4.73
C ALA A 689 19.20 -20.41 5.54
N GLY A 690 19.90 -19.92 6.56
CA GLY A 690 20.72 -20.76 7.43
C GLY A 690 21.59 -19.92 8.35
N PRO A 691 22.21 -20.56 9.36
CA PRO A 691 23.10 -19.82 10.26
C PRO A 691 24.44 -19.52 9.59
N PRO A 692 25.16 -18.48 10.05
CA PRO A 692 26.53 -18.26 9.54
C PRO A 692 27.36 -19.52 9.79
N LEU A 693 28.21 -19.88 8.83
CA LEU A 693 29.05 -21.09 8.92
C LEU A 693 29.89 -21.06 10.19
N GLY A 694 29.83 -22.15 10.96
CA GLY A 694 30.62 -22.30 12.18
C GLY A 694 30.06 -21.62 13.41
N SER A 695 28.91 -20.95 13.27
CA SER A 695 28.28 -20.26 14.40
C SER A 695 27.37 -21.21 15.19
N LYS A 696 26.85 -20.73 16.31
CA LYS A 696 25.81 -21.46 17.05
C LYS A 696 24.40 -20.94 16.74
N GLY A 697 24.28 -20.13 15.69
CA GLY A 697 22.97 -19.61 15.25
C GLY A 697 22.06 -20.75 14.82
N ILE A 698 20.76 -20.59 15.04
CA ILE A 698 19.80 -21.66 14.73
C ILE A 698 19.24 -21.60 13.31
N GLY A 699 19.51 -20.49 12.62
CA GLY A 699 19.10 -20.33 11.22
C GLY A 699 17.68 -19.82 11.03
N GLY A 700 16.71 -20.49 11.64
CA GLY A 700 15.30 -20.11 11.50
C GLY A 700 14.43 -20.79 12.52
N PHE A 701 13.19 -20.34 12.65
CA PHE A 701 12.16 -21.04 13.46
C PHE A 701 10.76 -20.65 12.99
N TRP A 702 9.81 -21.56 13.24
CA TRP A 702 8.37 -21.32 13.09
C TRP A 702 7.71 -21.49 14.46
N THR A 703 6.81 -20.58 14.82
CA THR A 703 5.95 -20.81 16.00
C THR A 703 4.58 -21.37 15.61
N GLY A 704 4.20 -21.19 14.35
CA GLY A 704 2.85 -21.57 13.90
C GLY A 704 2.56 -21.04 12.52
N LYS A 705 1.32 -21.24 12.06
CA LYS A 705 0.91 -20.68 10.77
C LYS A 705 1.13 -19.18 10.72
N LYS A 706 1.71 -18.72 9.62
CA LYS A 706 1.95 -17.30 9.36
C LYS A 706 2.83 -16.62 10.43
N ARG A 707 3.68 -17.41 11.09
CA ARG A 707 4.57 -16.90 12.15
C ARG A 707 5.95 -17.57 12.12
N TYR A 708 6.93 -16.88 11.54
CA TYR A 708 8.28 -17.46 11.38
C TYR A 708 9.34 -16.40 11.16
N ALA A 709 10.60 -16.82 11.28
CA ALA A 709 11.78 -15.98 11.06
C ALA A 709 12.85 -16.83 10.40
N LEU A 710 13.54 -16.26 9.42
CA LEU A 710 14.62 -16.90 8.70
C LEU A 710 15.79 -15.93 8.53
N ASN A 711 17.01 -16.46 8.69
CA ASN A 711 18.23 -15.70 8.39
C ASN A 711 18.63 -15.92 6.92
N VAL A 712 18.35 -14.92 6.08
CA VAL A 712 18.44 -15.08 4.62
C VAL A 712 19.70 -14.49 4.01
N TRP A 713 20.36 -15.28 3.17
CA TRP A 713 21.59 -14.85 2.50
C TRP A 713 21.37 -14.43 1.04
N ASP A 714 20.28 -14.91 0.45
CA ASP A 714 20.00 -14.67 -0.95
C ASP A 714 18.48 -14.74 -1.12
N MET A 715 17.93 -13.69 -1.73
CA MET A 715 16.49 -13.52 -1.89
C MET A 715 16.22 -13.20 -3.36
N GLU A 716 15.56 -14.13 -4.05
CA GLU A 716 15.22 -13.99 -5.47
C GLU A 716 16.40 -13.56 -6.35
N GLY A 717 17.60 -14.05 -6.04
CA GLY A 717 18.77 -13.75 -6.85
C GLY A 717 19.63 -12.60 -6.33
N THR A 718 19.19 -11.97 -5.24
CA THR A 718 19.98 -10.91 -4.62
C THR A 718 20.83 -11.52 -3.52
N ARG A 719 22.15 -11.46 -3.70
CA ARG A 719 23.08 -11.96 -2.71
C ARG A 719 23.51 -10.81 -1.83
N TYR A 720 23.09 -10.85 -0.56
CA TYR A 720 23.29 -9.73 0.34
C TYR A 720 24.73 -9.64 0.81
N ALA A 721 25.23 -8.40 0.93
CA ALA A 721 26.51 -8.15 1.59
C ALA A 721 26.44 -8.61 3.05
N GLU A 722 25.29 -8.38 3.70
CA GLU A 722 25.05 -8.83 5.07
C GLU A 722 23.72 -9.59 5.13
N PRO A 723 23.64 -10.67 5.92
CA PRO A 723 22.40 -11.47 6.00
C PRO A 723 21.21 -10.61 6.45
N LYS A 724 20.02 -10.92 5.94
CA LYS A 724 18.85 -10.11 6.23
C LYS A 724 17.79 -11.02 6.81
N LEU A 725 17.12 -10.56 7.86
CA LEU A 725 16.09 -11.38 8.49
C LEU A 725 14.80 -11.32 7.70
N LYS A 726 14.25 -12.48 7.32
CA LYS A 726 12.89 -12.52 6.81
C LYS A 726 11.99 -12.93 7.96
N ILE A 727 11.24 -11.98 8.50
CA ILE A 727 10.37 -12.26 9.64
C ILE A 727 8.95 -11.98 9.21
N MET A 728 8.08 -12.97 9.40
CA MET A 728 6.67 -12.78 9.05
C MET A 728 5.78 -13.07 10.24
N GLY A 729 4.80 -12.20 10.48
CA GLY A 729 3.72 -12.44 11.44
C GLY A 729 4.09 -12.15 12.89
N LEU A 730 5.36 -12.31 13.22
CA LEU A 730 5.83 -12.05 14.59
C LEU A 730 5.66 -10.57 14.95
N GLU A 731 5.71 -10.29 16.25
CA GLU A 731 5.40 -8.97 16.79
C GLU A 731 6.31 -7.86 16.27
N THR A 732 7.49 -8.22 15.77
CA THR A 732 8.40 -7.25 15.17
C THR A 732 7.78 -6.61 13.94
N GLN A 733 6.81 -7.31 13.33
CA GLN A 733 6.16 -6.88 12.09
C GLN A 733 4.82 -6.18 12.28
N LYS A 734 4.36 -6.06 13.53
CA LYS A 734 3.04 -5.47 13.81
C LYS A 734 3.14 -4.02 14.26
N SER A 735 2.37 -3.15 13.60
CA SER A 735 2.28 -1.73 13.98
C SER A 735 1.77 -1.49 15.40
N SER A 736 1.06 -2.48 15.98
CA SER A 736 0.57 -2.40 17.36
C SER A 736 1.66 -2.55 18.40
N THR A 737 2.76 -3.22 18.04
CA THR A 737 3.86 -3.49 18.98
C THR A 737 4.69 -2.21 19.20
N PRO A 738 4.99 -1.85 20.46
CA PRO A 738 5.78 -0.63 20.72
C PRO A 738 7.07 -0.61 19.91
N LYS A 739 7.45 0.57 19.42
CA LYS A 739 8.64 0.71 18.55
C LYS A 739 9.92 0.13 19.17
N ALA A 740 10.18 0.45 20.42
CA ALA A 740 11.40 -0.04 21.09
C ALA A 740 11.35 -1.55 21.30
N VAL A 741 10.14 -2.07 21.42
CA VAL A 741 9.92 -3.50 21.64
C VAL A 741 10.09 -4.29 20.35
N GLN A 742 9.61 -3.73 19.24
CA GLN A 742 9.91 -4.27 17.92
C GLN A 742 11.42 -4.41 17.78
N LYS A 743 12.14 -3.33 18.09
CA LYS A 743 13.59 -3.28 17.93
C LYS A 743 14.25 -4.35 18.79
N ALA A 744 13.85 -4.42 20.06
CA ALA A 744 14.43 -5.40 21.00
C ALA A 744 14.13 -6.83 20.60
N LEU A 745 12.87 -7.11 20.26
CA LEU A 745 12.51 -8.43 19.78
C LEU A 745 13.28 -8.83 18.52
N LYS A 746 13.48 -7.89 17.59
CA LYS A 746 14.23 -8.19 16.37
C LYS A 746 15.69 -8.55 16.69
N GLU A 747 16.28 -7.85 17.63
CA GLU A 747 17.65 -8.17 18.04
C GLU A 747 17.73 -9.55 18.72
N CYS A 748 16.70 -9.91 19.50
CA CYS A 748 16.62 -11.24 20.11
C CYS A 748 16.59 -12.31 19.02
N ILE A 749 15.73 -12.10 18.02
CA ILE A 749 15.64 -13.00 16.88
C ILE A 749 16.96 -13.04 16.12
N ARG A 750 17.56 -11.88 15.86
CA ARG A 750 18.86 -11.86 15.17
C ARG A 750 19.86 -12.74 15.91
N ARG A 751 19.96 -12.52 17.22
CA ARG A 751 20.90 -13.30 18.04
C ARG A 751 20.57 -14.78 18.00
N MET A 752 19.29 -15.14 18.11
CA MET A 752 18.88 -16.54 17.99
C MET A 752 19.35 -17.19 16.69
N LEU A 753 19.03 -16.55 15.56
CA LEU A 753 19.30 -17.11 14.25
C LEU A 753 20.76 -17.08 13.84
N GLN A 754 21.50 -16.07 14.32
CA GLN A 754 22.88 -15.86 13.85
C GLN A 754 23.96 -16.25 14.84
N GLU A 755 23.63 -16.20 16.13
CA GLU A 755 24.64 -16.33 17.19
C GLU A 755 24.36 -17.45 18.20
N GLY A 756 23.10 -17.65 18.55
CA GLY A 756 22.76 -18.78 19.42
C GLY A 756 22.20 -18.43 20.78
N GLU A 757 22.05 -19.45 21.62
CA GLU A 757 21.34 -19.32 22.90
C GLU A 757 22.03 -18.38 23.89
N GLU A 758 23.34 -18.51 24.01
CA GLU A 758 24.10 -17.69 24.98
C GLU A 758 23.98 -16.20 24.66
N SER A 759 24.12 -15.85 23.38
CA SER A 759 23.98 -14.47 22.92
C SER A 759 22.60 -13.90 23.23
N LEU A 760 21.57 -14.68 22.91
CA LEU A 760 20.20 -14.32 23.26
C LEU A 760 20.07 -14.02 24.77
N GLN A 761 20.60 -14.90 25.61
CA GLN A 761 20.48 -14.72 27.07
C GLN A 761 21.19 -13.46 27.54
N GLU A 762 22.34 -13.16 26.95
CA GLU A 762 23.10 -11.97 27.30
C GLU A 762 22.27 -10.71 27.00
N TYR A 763 21.67 -10.67 25.82
CA TYR A 763 20.86 -9.53 25.43
C TYR A 763 19.58 -9.36 26.24
N PHE A 764 18.88 -10.47 26.49
CA PHE A 764 17.66 -10.40 27.27
C PHE A 764 17.92 -9.77 28.64
N LYS A 765 18.97 -10.24 29.30
CA LYS A 765 19.31 -9.78 30.65
C LYS A 765 19.57 -8.27 30.67
N GLU A 766 20.25 -7.78 29.64
CA GLU A 766 20.50 -6.34 29.54
C GLU A 766 19.21 -5.55 29.29
N PHE A 767 18.41 -6.00 28.33
CA PHE A 767 17.14 -5.30 28.03
C PHE A 767 16.25 -5.20 29.25
N GLU A 768 16.08 -6.32 29.96
CA GLU A 768 15.22 -6.38 31.15
C GLU A 768 15.68 -5.42 32.24
N LYS A 769 16.99 -5.27 32.40
CA LYS A 769 17.56 -4.36 33.39
C LYS A 769 17.44 -2.88 32.98
N GLU A 770 17.52 -2.58 31.69
CA GLU A 770 17.62 -1.19 31.23
C GLU A 770 16.35 -0.57 30.65
N PHE A 771 15.31 -1.37 30.39
CA PHE A 771 14.21 -0.89 29.55
C PHE A 771 13.37 0.26 30.15
N ARG A 772 13.34 0.40 31.47
CA ARG A 772 12.56 1.44 32.12
CA ARG A 772 12.56 1.44 32.12
C ARG A 772 13.04 2.84 31.76
N GLN A 773 14.24 2.94 31.20
CA GLN A 773 14.82 4.19 30.77
C GLN A 773 14.28 4.63 29.41
N LEU A 774 13.67 3.70 28.67
CA LEU A 774 13.17 4.00 27.32
C LEU A 774 12.10 5.09 27.35
N ASN A 775 12.10 5.93 26.32
CA ASN A 775 11.10 6.99 26.20
C ASN A 775 9.69 6.39 26.14
N TYR A 776 8.76 7.03 26.84
CA TYR A 776 7.41 6.49 27.01
C TYR A 776 6.68 6.21 25.70
N ILE A 777 6.89 7.06 24.69
CA ILE A 777 6.28 6.84 23.37
C ILE A 777 6.82 5.55 22.73
N SER A 778 8.11 5.30 22.91
CA SER A 778 8.75 4.15 22.29
C SER A 778 8.30 2.80 22.89
N ILE A 779 7.70 2.84 24.08
CA ILE A 779 7.25 1.62 24.73
C ILE A 779 5.72 1.53 24.84
N ALA A 780 5.03 2.48 24.19
CA ALA A 780 3.57 2.49 24.13
C ALA A 780 3.05 1.60 23.01
N SER A 781 1.98 0.86 23.29
CA SER A 781 1.30 0.05 22.27
C SER A 781 0.49 0.96 21.35
N VAL A 782 0.07 0.45 20.19
CA VAL A 782 -0.69 1.24 19.22
C VAL A 782 -1.94 0.49 18.81
N SER A 783 -3.06 1.20 18.70
CA SER A 783 -4.29 0.60 18.18
C SER A 783 -5.13 1.66 17.46
N SER A 784 -5.84 1.22 16.43
CA SER A 784 -6.93 1.99 15.85
C SER A 784 -8.04 2.04 16.89
N ALA A 785 -8.76 3.15 16.93
CA ALA A 785 -9.82 3.36 17.90
C ALA A 785 -11.18 3.60 17.25
N ASN A 786 -11.96 2.54 17.09
CA ASN A 786 -13.30 2.63 16.54
C ASN A 786 -14.36 2.49 17.63
N ASN A 787 -15.53 3.06 17.38
CA ASN A 787 -16.71 2.92 18.26
C ASN A 787 -16.49 3.39 19.69
N ILE A 788 -15.77 4.51 19.85
CA ILE A 788 -15.53 5.05 21.18
C ILE A 788 -16.85 5.32 21.92
N ALA A 789 -17.80 5.91 21.21
CA ALA A 789 -19.11 6.26 21.79
C ALA A 789 -19.92 5.05 22.24
N LYS A 790 -19.81 3.95 21.50
CA LYS A 790 -20.53 2.71 21.81
C LYS A 790 -20.22 2.16 23.20
N TYR A 791 -18.97 2.33 23.64
CA TYR A 791 -18.52 1.74 24.90
C TYR A 791 -18.45 2.76 26.04
N ASP A 792 -18.86 3.99 25.74
CA ASP A 792 -18.80 5.09 26.70
C ASP A 792 -20.14 5.22 27.43
N VAL A 793 -20.17 4.82 28.69
CA VAL A 793 -21.37 4.94 29.53
C VAL A 793 -21.07 5.95 30.64
N GLY A 794 -21.47 7.20 30.40
CA GLY A 794 -21.22 8.29 31.34
C GLY A 794 -19.75 8.55 31.64
N GLY A 795 -18.90 8.37 30.63
CA GLY A 795 -17.46 8.60 30.76
C GLY A 795 -16.69 7.39 31.28
N PHE A 796 -17.41 6.29 31.51
CA PHE A 796 -16.80 5.07 32.00
C PHE A 796 -17.04 3.89 31.05
N PRO A 797 -16.18 2.84 31.13
CA PRO A 797 -16.28 1.70 30.22
C PRO A 797 -17.58 0.90 30.38
N GLY A 798 -18.28 0.70 29.27
CA GLY A 798 -19.46 -0.16 29.24
C GLY A 798 -19.06 -1.62 29.13
N PRO A 799 -20.04 -2.54 29.09
CA PRO A 799 -19.77 -3.97 29.02
C PRO A 799 -18.89 -4.33 27.81
N LYS A 800 -17.93 -5.22 28.01
CA LYS A 800 -17.05 -5.71 26.94
C LYS A 800 -16.18 -4.62 26.31
N CYS A 801 -15.94 -3.55 27.06
CA CYS A 801 -15.14 -2.42 26.55
C CYS A 801 -13.72 -2.87 26.20
N PRO A 802 -13.28 -2.63 24.95
CA PRO A 802 -11.92 -3.01 24.60
C PRO A 802 -10.88 -2.25 25.42
N PHE A 803 -9.70 -2.85 25.56
CA PHE A 803 -8.64 -2.30 26.39
C PHE A 803 -8.25 -0.90 25.94
N HIS A 804 -8.08 -0.74 24.63
CA HIS A 804 -7.64 0.54 24.10
C HIS A 804 -8.72 1.62 24.20
N ILE A 805 -9.98 1.22 24.10
CA ILE A 805 -11.12 2.14 24.29
C ILE A 805 -11.19 2.61 25.74
N ARG A 806 -10.98 1.68 26.67
CA ARG A 806 -10.90 1.99 28.10
C ARG A 806 -9.86 3.09 28.35
N GLY A 807 -8.70 2.95 27.71
CA GLY A 807 -7.64 3.94 27.84
C GLY A 807 -8.08 5.31 27.35
N ILE A 808 -8.82 5.35 26.25
CA ILE A 808 -9.32 6.61 25.70
C ILE A 808 -10.29 7.29 26.67
N LEU A 809 -11.17 6.51 27.29
CA LEU A 809 -12.11 7.05 28.27
C LEU A 809 -11.38 7.60 29.49
N THR A 810 -10.34 6.89 29.92
CA THR A 810 -9.47 7.39 30.99
C THR A 810 -8.91 8.75 30.61
N TYR A 811 -8.35 8.86 29.41
CA TYR A 811 -7.84 10.11 28.86
C TYR A 811 -8.91 11.21 28.87
N ASN A 812 -10.08 10.88 28.34
CA ASN A 812 -11.19 11.84 28.28
C ASN A 812 -11.54 12.44 29.65
N ARG A 813 -11.63 11.60 30.69
CA ARG A 813 -11.89 12.08 32.05
C ARG A 813 -10.76 12.98 32.54
N ALA A 814 -9.52 12.59 32.26
CA ALA A 814 -8.34 13.33 32.70
C ALA A 814 -8.22 14.72 32.07
N ILE A 815 -8.69 14.88 30.82
CA ILE A 815 -8.58 16.17 30.12
C ILE A 815 -9.88 16.99 30.15
N LYS A 816 -10.87 16.52 30.91
CA LYS A 816 -12.18 17.15 30.97
C LYS A 816 -12.04 18.60 31.41
N GLY A 817 -12.74 19.50 30.71
CA GLY A 817 -12.70 20.91 31.02
C GLY A 817 -11.95 21.73 29.99
N ASN A 818 -11.02 21.09 29.29
CA ASN A 818 -10.22 21.74 28.27
C ASN A 818 -10.91 21.84 26.91
N ILE A 819 -10.92 23.05 26.35
CA ILE A 819 -11.30 23.27 24.96
C ILE A 819 -10.04 23.07 24.10
N ASP A 820 -8.90 23.34 24.71
CA ASP A 820 -7.58 22.96 24.19
C ASP A 820 -7.33 21.47 24.51
N ALA A 821 -6.06 21.04 24.47
CA ALA A 821 -5.68 19.63 24.68
C ALA A 821 -6.35 18.72 23.65
N PRO A 822 -5.54 17.96 22.89
CA PRO A 822 -6.04 17.21 21.73
C PRO A 822 -7.16 16.23 22.07
N GLN A 823 -8.19 16.20 21.22
CA GLN A 823 -9.22 15.18 21.34
C GLN A 823 -8.78 13.95 20.56
N VAL A 824 -9.19 12.77 21.04
CA VAL A 824 -9.02 11.54 20.29
C VAL A 824 -10.07 11.52 19.18
N VAL A 825 -9.63 11.27 17.94
CA VAL A 825 -10.53 11.24 16.79
C VAL A 825 -11.03 9.83 16.48
N GLU A 826 -12.34 9.67 16.44
CA GLU A 826 -12.95 8.39 16.08
C GLU A 826 -12.29 7.82 14.83
N GLY A 827 -11.83 6.57 14.94
CA GLY A 827 -11.28 5.88 13.78
C GLY A 827 -9.79 6.00 13.55
N GLU A 828 -9.14 6.97 14.20
CA GLU A 828 -7.68 7.15 14.07
CA GLU A 828 -7.69 7.15 14.06
C GLU A 828 -6.93 6.35 15.12
N LYS A 829 -5.60 6.44 15.12
CA LYS A 829 -4.80 5.61 16.02
C LYS A 829 -4.42 6.29 17.33
N VAL A 830 -4.25 5.46 18.36
CA VAL A 830 -3.84 5.92 19.66
C VAL A 830 -2.65 5.13 20.20
N TYR A 831 -1.80 5.82 20.96
CA TYR A 831 -0.84 5.17 21.84
C TYR A 831 -1.56 4.73 23.09
N VAL A 832 -1.15 3.59 23.65
CA VAL A 832 -1.78 3.03 24.85
C VAL A 832 -0.72 2.57 25.86
N LEU A 833 -0.83 3.01 27.11
CA LEU A 833 0.02 2.54 28.19
C LEU A 833 -0.77 1.98 29.37
N PRO A 834 -0.27 0.91 30.01
CA PRO A 834 -0.85 0.43 31.25
C PRO A 834 -0.46 1.33 32.44
N LEU A 835 -1.34 1.37 33.45
CA LEU A 835 -1.14 2.21 34.64
C LEU A 835 -1.14 1.35 35.89
N ARG A 836 -0.23 1.64 36.83
CA ARG A 836 -0.14 0.90 38.09
C ARG A 836 -1.35 1.09 38.99
N GLU A 837 -1.64 0.07 39.80
CA GLU A 837 -2.71 0.10 40.80
C GLU A 837 -2.66 1.38 41.65
N GLY A 838 -3.82 2.02 41.83
CA GLY A 838 -3.94 3.18 42.71
C GLY A 838 -3.45 4.49 42.10
N ASN A 839 -3.37 4.53 40.77
CA ASN A 839 -3.03 5.75 40.03
C ASN A 839 -4.19 6.76 40.11
N PRO A 840 -3.89 8.06 39.91
CA PRO A 840 -4.95 9.06 40.02
C PRO A 840 -5.93 9.11 38.84
N PHE A 841 -5.66 8.37 37.77
CA PHE A 841 -6.55 8.34 36.60
C PHE A 841 -7.74 7.42 36.81
N GLY A 842 -7.66 6.58 37.83
CA GLY A 842 -8.79 5.73 38.23
C GLY A 842 -9.06 4.53 37.34
N ASP A 843 -8.12 4.18 36.46
CA ASP A 843 -8.24 2.98 35.63
C ASP A 843 -6.88 2.39 35.26
N LYS A 844 -6.89 1.23 34.64
CA LYS A 844 -5.69 0.42 34.42
C LYS A 844 -4.87 0.77 33.18
N CYS A 845 -5.37 1.72 32.39
CA CYS A 845 -4.65 2.16 31.19
C CYS A 845 -5.11 3.53 30.74
N ILE A 846 -4.29 4.15 29.89
CA ILE A 846 -4.60 5.43 29.28
C ILE A 846 -4.17 5.42 27.81
N ALA A 847 -4.89 6.13 26.97
CA ALA A 847 -4.58 6.21 25.54
C ALA A 847 -4.69 7.65 25.06
N TRP A 848 -3.85 8.02 24.10
CA TRP A 848 -3.88 9.37 23.55
C TRP A 848 -3.53 9.33 22.05
N PRO A 849 -3.79 10.43 21.31
CA PRO A 849 -3.56 10.37 19.87
C PRO A 849 -2.13 9.97 19.49
N SER A 850 -2.01 8.98 18.60
CA SER A 850 -0.69 8.50 18.18
C SER A 850 0.06 9.58 17.39
N GLY A 851 1.39 9.46 17.36
CA GLY A 851 2.25 10.44 16.69
C GLY A 851 2.42 11.74 17.46
N THR A 852 1.91 11.79 18.70
CA THR A 852 1.99 13.00 19.49
C THR A 852 2.51 12.72 20.90
N GLU A 853 3.04 13.77 21.51
CA GLU A 853 3.31 13.80 22.95
C GLU A 853 1.98 13.95 23.66
N ILE A 854 1.80 13.25 24.77
CA ILE A 854 0.58 13.42 25.57
C ILE A 854 0.62 14.82 26.19
N THR A 855 -0.55 15.45 26.33
CA THR A 855 -0.66 16.83 26.80
C THR A 855 0.04 17.07 28.15
N ASP A 856 0.71 18.22 28.25
CA ASP A 856 1.62 18.52 29.37
C ASP A 856 1.06 18.31 30.77
N LEU A 857 -0.22 18.65 30.96
CA LEU A 857 -0.80 18.62 32.30
C LEU A 857 -1.00 17.20 32.86
N ILE A 858 -1.00 16.19 32.00
CA ILE A 858 -1.06 14.81 32.48
C ILE A 858 0.19 13.96 32.16
N LYS A 859 1.05 14.48 31.29
CA LYS A 859 2.28 13.77 30.93
C LYS A 859 3.05 13.33 32.17
N ASP A 860 3.27 14.26 33.10
CA ASP A 860 4.01 13.98 34.33
C ASP A 860 3.40 12.82 35.14
N ASP A 861 2.07 12.81 35.26
CA ASP A 861 1.37 11.73 35.98
C ASP A 861 1.44 10.39 35.25
N VAL A 862 1.33 10.41 33.92
CA VAL A 862 1.46 9.19 33.12
C VAL A 862 2.84 8.58 33.34
N LEU A 863 3.88 9.41 33.20
CA LEU A 863 5.26 8.95 33.42
C LEU A 863 5.46 8.32 34.79
N HIS A 864 4.88 8.96 35.81
CA HIS A 864 5.00 8.51 37.19
C HIS A 864 4.25 7.20 37.46
N TRP A 865 3.15 6.99 36.74
CA TRP A 865 2.27 5.84 37.02
C TRP A 865 2.28 4.72 35.96
N MET A 866 3.04 4.92 34.88
CA MET A 866 3.26 3.89 33.85
C MET A 866 3.63 2.56 34.48
N ASP A 867 2.94 1.49 34.09
CA ASP A 867 3.25 0.18 34.62
C ASP A 867 4.26 -0.55 33.73
N TYR A 868 5.55 -0.32 34.00
CA TYR A 868 6.62 -0.96 33.24
C TYR A 868 6.58 -2.49 33.31
N THR A 869 6.18 -3.04 34.46
CA THR A 869 6.14 -4.49 34.65
C THR A 869 5.14 -5.15 33.69
N VAL A 870 3.94 -4.58 33.60
CA VAL A 870 2.88 -5.11 32.74
C VAL A 870 3.25 -4.93 31.27
N LEU A 871 3.77 -3.74 30.96
CA LEU A 871 4.22 -3.40 29.62
C LEU A 871 5.25 -4.43 29.11
N LEU A 872 6.25 -4.72 29.94
CA LEU A 872 7.29 -5.70 29.61
C LEU A 872 6.74 -7.11 29.42
N GLU A 873 5.91 -7.55 30.36
CA GLU A 873 5.34 -8.90 30.29
C GLU A 873 4.51 -9.08 29.03
N LYS A 874 3.64 -8.11 28.75
CA LYS A 874 2.68 -8.23 27.65
C LYS A 874 3.27 -8.09 26.26
N THR A 875 4.17 -7.12 26.08
CA THR A 875 4.68 -6.79 24.75
C THR A 875 6.00 -7.47 24.42
N PHE A 876 6.78 -7.80 25.44
CA PHE A 876 8.12 -8.33 25.21
C PHE A 876 8.26 -9.78 25.64
N ILE A 877 8.04 -10.06 26.93
CA ILE A 877 8.31 -11.39 27.46
C ILE A 877 7.36 -12.44 26.86
N LYS A 878 6.07 -12.14 26.84
CA LYS A 878 5.12 -13.11 26.26
C LYS A 878 5.48 -13.51 24.82
N PRO A 879 5.66 -12.54 23.90
CA PRO A 879 6.09 -12.97 22.56
C PRO A 879 7.44 -13.69 22.55
N LEU A 880 8.41 -13.21 23.33
CA LEU A 880 9.72 -13.85 23.34
C LEU A 880 9.67 -15.30 23.85
N GLU A 881 8.87 -15.52 24.90
CA GLU A 881 8.59 -16.87 25.39
C GLU A 881 8.03 -17.78 24.27
N GLY A 882 7.14 -17.24 23.45
CA GLY A 882 6.63 -17.96 22.29
C GLY A 882 7.72 -18.32 21.28
N PHE A 883 8.60 -17.35 20.96
CA PHE A 883 9.70 -17.58 20.01
C PHE A 883 10.65 -18.67 20.52
N THR A 884 11.10 -18.53 21.78
CA THR A 884 12.12 -19.40 22.34
C THR A 884 11.63 -20.83 22.60
N SER A 885 10.39 -20.97 23.06
CA SER A 885 9.85 -22.31 23.30
C SER A 885 9.67 -23.03 21.96
N ALA A 886 9.22 -22.31 20.94
CA ALA A 886 9.14 -22.88 19.60
C ALA A 886 10.51 -23.35 19.13
N ALA A 887 11.53 -22.51 19.35
CA ALA A 887 12.90 -22.79 18.94
C ALA A 887 13.64 -23.74 19.89
N LYS A 888 13.01 -24.12 21.00
CA LYS A 888 13.63 -25.02 22.00
C LYS A 888 14.92 -24.42 22.56
N LEU A 889 14.82 -23.14 22.93
CA LEU A 889 15.92 -22.34 23.46
C LEU A 889 15.43 -21.69 24.75
N ASP A 890 16.34 -21.34 25.65
CA ASP A 890 15.97 -20.60 26.86
C ASP A 890 16.48 -19.16 26.80
N TYR A 891 15.61 -18.22 27.14
CA TYR A 891 16.02 -16.82 27.16
C TYR A 891 16.70 -16.43 28.48
N GLU A 892 16.62 -17.31 29.46
CA GLU A 892 17.34 -17.15 30.73
C GLU A 892 18.13 -18.41 31.01
N LYS A 893 19.38 -18.25 31.45
CA LYS A 893 20.24 -19.41 31.72
C LYS A 893 19.71 -20.25 32.88
N LYS A 894 19.56 -21.55 32.65
CA LYS A 894 19.10 -22.48 33.68
C LYS A 894 20.26 -22.97 34.55
N ALA A 895 19.95 -23.40 35.77
CA ALA A 895 20.95 -23.93 36.69
C ALA A 895 21.69 -25.12 36.08
N SER A 896 22.98 -25.26 36.42
CA SER A 896 23.76 -26.40 35.97
C SER A 896 24.67 -26.89 37.10
N LEU A 897 25.20 -28.10 36.94
CA LEU A 897 26.13 -28.67 37.90
C LEU A 897 27.39 -27.81 38.12
N PHE A 898 27.77 -27.03 37.12
CA PHE A 898 28.96 -26.17 37.21
C PHE A 898 28.85 -25.04 38.25
N ASP A 899 27.60 -24.64 38.54
CA ASP A 899 27.33 -23.65 39.57
C ASP A 899 27.93 -24.00 40.94
N MET A 900 28.19 -25.29 41.16
CA MET A 900 28.81 -25.79 42.41
C MET A 900 30.24 -25.31 42.59
N PHE A 901 30.77 -24.59 41.60
CA PHE A 901 32.15 -24.13 41.61
C PHE A 901 32.25 -22.61 41.53
#